data_6VC9
#
_entry.id   6VC9
#
_cell.length_a   118.310
_cell.length_b   74.220
_cell.length_c   148.326
_cell.angle_alpha   90.000
_cell.angle_beta   93.610
_cell.angle_gamma   90.000
#
_symmetry.space_group_name_H-M   'I 1 2 1'
#
loop_
_entity.id
_entity.type
_entity.pdbx_description
1 polymer 'TB19 heavy chain'
2 polymer 'TB19 light chain'
3 polymer "5'-nucleotidase, ecto (CD73), isoform CRA_a"
4 branched alpha-D-mannopyranose-(1-3)-[alpha-D-mannopyranose-(1-6)]alpha-D-mannopyranose-(1-4)-2-acetamido-2-deoxy-beta-D-glucopyranose-(1-4)-2-acetamido-2-deoxy-beta-D-glucopyranose
5 non-polymer 'ZINC ION'
6 non-polymer 'PHOSPHATE ION'
7 non-polymer 'TETRAETHYLENE GLYCOL'
8 non-polymer 1,2-ETHANEDIOL
9 water water
#
loop_
_entity_poly.entity_id
_entity_poly.type
_entity_poly.pdbx_seq_one_letter_code
_entity_poly.pdbx_strand_id
1 'polypeptide(L)'
;QEQLQESGPGLVKPSETLSLTCTVSGGSIRNNYYNWIRQPAGKGLEWIGRIYISGTTNSNPSLKSRVTMSIDTSKNQFSL
KLSSVTAADTAIYYCAREHYVSGTSLDNWGQGTLVTVSSASTKGPSVFPLAPSSKSTSGGTAALGCLVKDYFPEPVTVSW
NSGALTSGVHTFPAVLQSSGLYSLSSVVTVPSSSLGTQTYICNVNHKPSNTKVDKKVEPKSCDKTHTHHHHHH
;
H
2 'polypeptide(L)'
;EIVMTQSPTTLSLSPGERATLSCRASQSVNTNYFSWYQQKPGLTPRLLIYGTSTRATGIPARFSGSGSGTDFTLTISSLQ
PEDFGIYYCQQDYNLPYTFGQGTYLEIKRTVAAPSVFIFPPSDEQLKSGTASVVCLLNNFYPREAKVQWKVDNALQSGNS
QESVTEQDSKDSTYSLSSTLTLSKADYEKHKVYACEVTHQGLSSPVTKSFNRGEC
;
L
3 'polypeptide(L)'
;WELTILHTNDVHSRLEQTSEDSSKCVNASRCMGGVARLFTKVQQIRRAEPNVLLLDAGDQYQGTIWFTVYKGAEVAHFMN
ALRYDAMALGNHEFDNGVEGLIEPLLKEAKFPILSANIKAKGPLASQISGLYLPYKVLPVGDEVVGIVGYTSKETPFLSN
PGTNLVFEDEITALQPEVDKLKTLNVNKIIALGHSGFEMDKLIAQKVRGVDVVVGGHSNTFLYTGNPPSKEVPAGKYPFI
VTSDDGRKVPVVQAYAFGKYLGYLKIEFDERGNVISSHGNPILLNSSIPEDPSIKADINKWRIKLDNYSTQELGKTIVYL
DGSSQSCRFRECNMGNLICDAMINNNLRHADEMFWNHVSMCILNGGGIRSPIDERNNGTITWENLAAVLPFGGTFDLVQL
KGSTLKKAFEHSVHRYGQSTGEFLQVGGIHVVYDLSRKPGDRVVKLDVLCTKCRVPSYDPLKMDEVYKVILPNFLANGGD
GFQMIKDELLRHDSGDQDINVVSTYISKMKVIYPAVEGRIKFSHHHHHH
;
A
#
loop_
_chem_comp.id
_chem_comp.type
_chem_comp.name
_chem_comp.formula
EDO non-polymer 1,2-ETHANEDIOL 'C2 H6 O2'
MAN D-saccharide, alpha linking alpha-D-mannopyranose 'C6 H12 O6'
NAG D-saccharide, beta linking 2-acetamido-2-deoxy-beta-D-glucopyranose 'C8 H15 N O6'
PG4 non-polymer 'TETRAETHYLENE GLYCOL' 'C8 H18 O5'
PO4 non-polymer 'PHOSPHATE ION' 'O4 P -3'
ZN non-polymer 'ZINC ION' 'Zn 2'
#
# COMPACT_ATOMS: atom_id res chain seq x y z
N GLU A 2 9.77 -8.11 35.33
CA GLU A 2 9.23 -7.81 33.96
C GLU A 2 8.44 -9.03 33.43
N GLN A 3 7.11 -9.10 33.69
CA GLN A 3 6.28 -10.31 33.31
C GLN A 3 4.77 -9.97 32.98
N LEU A 4 4.33 -10.73 31.87
CA LEU A 4 2.97 -10.65 31.23
C LEU A 4 2.20 -11.99 31.34
N GLN A 5 1.23 -12.11 32.29
CA GLN A 5 0.22 -13.23 32.35
C GLN A 5 -1.10 -12.80 31.66
N GLU A 6 -1.69 -13.66 30.81
CA GLU A 6 -3.05 -13.51 30.20
C GLU A 6 -4.10 -14.29 31.01
N SER A 7 -5.15 -13.57 31.44
CA SER A 7 -6.44 -14.07 31.99
C SER A 7 -7.40 -14.35 30.83
N GLY A 8 -8.18 -15.44 30.89
CA GLY A 8 -9.29 -15.72 29.96
C GLY A 8 -9.49 -17.22 29.70
N PRO A 9 -10.76 -17.73 29.68
CA PRO A 9 -11.04 -19.18 29.79
C PRO A 9 -10.63 -20.03 28.57
N GLY A 10 -10.70 -21.37 28.70
CA GLY A 10 -10.01 -22.32 27.81
C GLY A 10 -10.94 -23.01 26.77
N LEU A 11 -12.27 -22.60 26.84
CA LEU A 11 -13.43 -23.29 26.20
C LEU A 11 -14.27 -22.27 25.42
N VAL A 12 -14.61 -22.52 24.15
CA VAL A 12 -15.47 -21.60 23.35
C VAL A 12 -16.46 -22.37 22.48
N LYS A 13 -17.69 -21.85 22.36
CA LYS A 13 -18.76 -22.37 21.47
C LYS A 13 -18.49 -21.86 20.06
N PRO A 14 -18.89 -22.56 18.98
CA PRO A 14 -18.96 -21.93 17.65
C PRO A 14 -20.02 -20.82 17.66
N SER A 15 -19.74 -19.69 17.00
CA SER A 15 -20.57 -18.45 17.01
C SER A 15 -20.74 -17.98 18.47
N GLU A 16 -19.75 -17.24 18.96
CA GLU A 16 -19.63 -16.84 20.39
C GLU A 16 -18.46 -15.83 20.55
N THR A 17 -18.31 -15.29 21.77
CA THR A 17 -17.45 -14.12 22.11
C THR A 17 -16.07 -14.64 22.58
N LEU A 18 -15.34 -13.85 23.38
CA LEU A 18 -13.96 -14.20 23.85
C LEU A 18 -13.27 -12.99 24.51
N SER A 19 -13.21 -12.95 25.84
CA SER A 19 -12.46 -11.96 26.67
C SER A 19 -11.11 -12.53 27.08
N LEU A 20 -10.00 -11.99 26.52
CA LEU A 20 -8.61 -12.29 26.96
C LEU A 20 -8.00 -11.01 27.50
N THR A 21 -7.41 -11.05 28.69
CA THR A 21 -6.87 -9.87 29.41
C THR A 21 -5.42 -10.16 29.84
N CYS A 22 -4.44 -9.59 29.13
CA CYS A 22 -2.99 -9.70 29.43
C CYS A 22 -2.62 -8.73 30.56
N THR A 23 -2.04 -9.24 31.64
CA THR A 23 -1.64 -8.46 32.83
C THR A 23 -0.10 -8.38 32.88
N VAL A 24 0.41 -7.11 32.88
CA VAL A 24 1.85 -6.78 33.11
C VAL A 24 2.00 -6.35 34.57
N SER A 25 2.95 -6.91 35.33
CA SER A 25 3.23 -6.50 36.73
C SER A 25 4.73 -6.49 37.09
N GLY A 26 5.63 -6.76 36.14
CA GLY A 26 7.07 -6.51 36.34
C GLY A 26 7.31 -5.04 36.65
N GLY A 27 7.25 -4.20 35.62
CA GLY A 27 6.95 -2.76 35.70
C GLY A 27 5.59 -2.46 35.07
N SER A 28 5.42 -1.25 34.52
CA SER A 28 4.12 -0.76 33.99
C SER A 28 4.17 -0.67 32.46
N ILE A 29 3.00 -0.78 31.83
CA ILE A 29 2.72 -0.37 30.41
C ILE A 29 3.50 0.95 30.13
N ARG A 30 4.56 0.87 29.30
CA ARG A 30 5.43 1.99 28.85
C ARG A 30 4.95 2.52 27.47
N ASN A 31 5.72 3.41 26.83
CA ASN A 31 5.36 4.00 25.50
C ASN A 31 5.75 2.99 24.40
N ASN A 32 4.94 1.93 24.29
CA ASN A 32 5.22 0.73 23.46
C ASN A 32 3.87 0.12 22.98
N TYR A 33 4.00 -0.59 21.79
CA TYR A 33 2.91 -1.40 21.19
C TYR A 33 2.88 -2.73 21.97
N TYR A 34 1.68 -3.19 22.33
CA TYR A 34 1.39 -4.46 23.04
C TYR A 34 0.63 -5.36 22.07
N ASN A 35 1.11 -6.61 21.90
CA ASN A 35 0.58 -7.48 20.82
C ASN A 35 -0.18 -8.67 21.44
N TRP A 36 -1.07 -9.22 20.60
CA TRP A 36 -1.72 -10.55 20.67
C TRP A 36 -1.21 -11.34 19.48
N ILE A 37 -0.86 -12.62 19.69
CA ILE A 37 -0.53 -13.59 18.60
C ILE A 37 -1.27 -14.89 18.93
N ARG A 38 -1.45 -15.77 17.94
CA ARG A 38 -2.05 -17.11 18.14
C ARG A 38 -1.27 -18.10 17.28
N GLN A 39 -1.44 -19.40 17.56
CA GLN A 39 -0.85 -20.52 16.77
C GLN A 39 -1.81 -21.71 16.73
N PRO A 40 -2.31 -22.11 15.54
CA PRO A 40 -2.99 -23.41 15.39
C PRO A 40 -2.04 -24.55 15.77
N ALA A 41 -2.51 -25.51 16.59
CA ALA A 41 -1.70 -26.54 17.29
C ALA A 41 -0.97 -27.41 16.25
N GLY A 42 0.38 -27.42 16.30
CA GLY A 42 1.27 -28.04 15.31
C GLY A 42 1.89 -27.01 14.37
N LYS A 43 1.07 -26.12 13.78
CA LYS A 43 1.43 -25.21 12.65
C LYS A 43 2.16 -23.97 13.19
N GLY A 44 2.07 -22.84 12.46
CA GLY A 44 2.97 -21.68 12.62
C GLY A 44 2.30 -20.47 13.26
N LEU A 45 3.07 -19.41 13.51
CA LEU A 45 2.64 -18.24 14.33
C LEU A 45 1.86 -17.28 13.43
N GLU A 46 0.82 -16.66 13.99
CA GLU A 46 -0.11 -15.74 13.27
C GLU A 46 -0.39 -14.52 14.14
N TRP A 47 -0.06 -13.34 13.62
CA TRP A 47 -0.25 -12.03 14.30
C TRP A 47 -1.73 -11.58 14.21
N ILE A 48 -2.27 -11.27 15.42
CA ILE A 48 -3.68 -10.82 15.60
C ILE A 48 -3.77 -9.29 15.49
N GLY A 49 -3.03 -8.56 16.34
CA GLY A 49 -3.15 -7.11 16.43
C GLY A 49 -2.21 -6.49 17.43
N ARG A 50 -2.10 -5.15 17.38
CA ARG A 50 -1.32 -4.31 18.32
C ARG A 50 -2.28 -3.22 18.88
N ILE A 51 -1.91 -2.72 20.06
CA ILE A 51 -2.49 -1.50 20.71
C ILE A 51 -1.31 -0.74 21.36
N TYR A 52 -1.22 0.56 21.08
CA TYR A 52 -0.32 1.55 21.74
C TYR A 52 -1.04 1.95 23.08
N ILE A 53 -0.28 2.57 24.01
CA ILE A 53 -0.81 3.10 25.32
C ILE A 53 -2.07 3.93 25.08
N SER A 54 -2.00 4.86 24.11
CA SER A 54 -3.00 5.93 23.85
C SER A 54 -4.35 5.34 23.45
N GLY A 55 -4.41 4.03 23.13
CA GLY A 55 -5.62 3.28 22.74
C GLY A 55 -5.62 2.88 21.26
N THR A 56 -4.81 3.52 20.40
CA THR A 56 -4.76 3.19 18.94
C THR A 56 -4.50 1.64 18.78
N THR A 57 -5.22 1.05 17.78
CA THR A 57 -5.15 -0.40 17.46
C THR A 57 -5.16 -0.69 15.96
N ASN A 58 -4.23 -1.54 15.49
CA ASN A 58 -4.33 -2.19 14.16
C ASN A 58 -4.42 -3.70 14.36
N SER A 59 -5.24 -4.39 13.54
CA SER A 59 -5.40 -5.87 13.55
C SER A 59 -5.16 -6.47 12.15
N ASN A 60 -4.97 -7.80 12.12
CA ASN A 60 -4.74 -8.59 10.87
C ASN A 60 -5.97 -8.42 9.98
N PRO A 61 -5.81 -8.04 8.69
CA PRO A 61 -6.94 -7.98 7.76
C PRO A 61 -7.67 -9.33 7.53
N SER A 62 -6.98 -10.45 7.77
CA SER A 62 -7.54 -11.84 7.73
C SER A 62 -8.66 -11.98 8.77
N LEU A 63 -8.52 -11.34 9.93
CA LEU A 63 -9.47 -11.39 11.07
C LEU A 63 -10.25 -10.08 11.26
N LYS A 64 -10.06 -9.07 10.39
CA LYS A 64 -10.28 -7.61 10.69
C LYS A 64 -11.63 -7.36 11.40
N SER A 65 -12.73 -7.89 10.88
CA SER A 65 -14.10 -7.59 11.37
C SER A 65 -14.33 -8.14 12.79
N ARG A 66 -13.51 -9.06 13.29
CA ARG A 66 -13.80 -9.86 14.50
C ARG A 66 -13.02 -9.37 15.74
N VAL A 67 -11.95 -8.57 15.55
CA VAL A 67 -11.05 -8.12 16.66
C VAL A 67 -11.56 -6.79 17.25
N THR A 68 -11.65 -6.70 18.58
CA THR A 68 -11.58 -5.44 19.37
C THR A 68 -10.48 -5.57 20.43
N MET A 69 -9.77 -4.48 20.73
CA MET A 69 -8.73 -4.42 21.78
C MET A 69 -8.89 -3.13 22.60
N SER A 70 -8.29 -3.10 23.78
CA SER A 70 -8.47 -2.05 24.81
C SER A 70 -7.18 -1.95 25.63
N ILE A 71 -6.93 -0.82 26.30
CA ILE A 71 -5.78 -0.63 27.24
C ILE A 71 -6.20 0.34 28.36
N ASP A 72 -5.56 0.22 29.54
CA ASP A 72 -5.85 1.04 30.75
C ASP A 72 -4.57 1.11 31.60
N THR A 73 -4.12 2.32 31.96
CA THR A 73 -2.85 2.58 32.70
C THR A 73 -3.11 2.73 34.20
N SER A 74 -4.36 3.00 34.59
CA SER A 74 -4.84 2.95 36.00
C SER A 74 -5.13 1.50 36.40
N LYS A 75 -5.20 0.59 35.41
CA LYS A 75 -5.44 -0.87 35.56
C LYS A 75 -4.10 -1.59 35.35
N ASN A 76 -3.38 -1.26 34.28
CA ASN A 76 -2.01 -1.74 33.98
C ASN A 76 -2.08 -3.04 33.13
N GLN A 77 -3.09 -3.20 32.26
CA GLN A 77 -3.12 -4.30 31.25
C GLN A 77 -3.93 -3.95 29.98
N PHE A 78 -4.06 -4.92 29.06
CA PHE A 78 -4.64 -4.74 27.71
C PHE A 78 -5.46 -5.99 27.35
N SER A 79 -6.71 -5.75 26.93
CA SER A 79 -7.75 -6.76 26.60
C SER A 79 -7.82 -7.07 25.10
N LEU A 80 -8.39 -8.23 24.76
CA LEU A 80 -8.76 -8.67 23.39
C LEU A 80 -10.17 -9.28 23.41
N LYS A 81 -10.91 -9.07 22.31
CA LYS A 81 -12.22 -9.71 22.05
C LYS A 81 -12.24 -10.23 20.63
N LEU A 82 -12.74 -11.44 20.42
CA LEU A 82 -12.82 -12.13 19.12
C LEU A 82 -14.23 -12.72 18.98
N SER A 83 -14.98 -12.19 18.01
CA SER A 83 -16.39 -12.52 17.69
C SER A 83 -16.42 -13.72 16.74
N SER A 84 -17.45 -14.59 16.87
CA SER A 84 -17.93 -15.53 15.83
C SER A 84 -16.89 -16.62 15.53
N VAL A 85 -16.76 -17.63 16.39
CA VAL A 85 -15.58 -18.54 16.42
C VAL A 85 -15.90 -19.83 15.66
N THR A 86 -14.86 -20.50 15.14
CA THR A 86 -14.91 -21.56 14.10
C THR A 86 -13.77 -22.58 14.31
N ALA A 87 -13.94 -23.84 13.86
CA ALA A 87 -12.94 -24.92 13.82
C ALA A 87 -11.51 -24.40 13.63
N ALA A 88 -11.26 -23.57 12.59
CA ALA A 88 -9.93 -23.04 12.21
C ALA A 88 -9.40 -21.98 13.20
N ASP A 89 -10.18 -21.63 14.24
CA ASP A 89 -9.78 -20.68 15.32
C ASP A 89 -9.25 -21.38 16.57
N THR A 90 -9.41 -22.71 16.76
CA THR A 90 -8.78 -23.41 17.91
C THR A 90 -7.26 -23.18 17.81
N ALA A 91 -6.66 -22.62 18.88
CA ALA A 91 -5.24 -22.24 18.91
C ALA A 91 -4.83 -21.51 20.21
N ILE A 92 -3.51 -21.65 20.52
CA ILE A 92 -2.80 -21.07 21.70
C ILE A 92 -2.65 -19.57 21.46
N TYR A 93 -3.03 -18.77 22.46
CA TYR A 93 -3.19 -17.29 22.40
C TYR A 93 -2.17 -16.62 23.33
N TYR A 94 -1.25 -15.82 22.72
CA TYR A 94 -0.08 -15.23 23.43
C TYR A 94 -0.23 -13.71 23.48
N CYS A 95 0.04 -13.09 24.64
CA CYS A 95 0.31 -11.64 24.71
C CYS A 95 1.84 -11.43 24.73
N ALA A 96 2.28 -10.24 24.32
CA ALA A 96 3.70 -9.90 24.04
C ALA A 96 3.84 -8.38 23.83
N ARG A 97 5.07 -7.88 24.01
CA ARG A 97 5.43 -6.44 23.91
C ARG A 97 6.77 -6.34 23.19
N GLU A 98 7.06 -5.15 22.66
CA GLU A 98 8.26 -4.84 21.83
C GLU A 98 9.51 -4.81 22.77
N HIS A 99 10.65 -5.26 22.20
CA HIS A 99 11.96 -5.03 22.83
C HIS A 99 12.09 -3.53 23.10
N TYR A 100 12.42 -3.18 24.36
CA TYR A 100 12.30 -1.80 24.90
C TYR A 100 13.50 -0.94 24.49
N VAL A 101 14.57 -1.51 23.93
CA VAL A 101 15.67 -0.72 23.35
C VAL A 101 15.28 -0.29 21.92
N SER A 102 14.81 -1.24 21.10
CA SER A 102 14.62 -1.07 19.64
C SER A 102 13.21 -0.53 19.33
N GLY A 103 12.24 -0.73 20.24
CA GLY A 103 10.80 -0.51 19.98
C GLY A 103 10.30 -1.38 18.82
N THR A 104 11.02 -2.50 18.57
CA THR A 104 10.70 -3.55 17.55
C THR A 104 10.56 -4.92 18.23
N SER A 105 10.22 -5.94 17.44
CA SER A 105 10.20 -7.38 17.81
C SER A 105 9.18 -7.66 18.91
N LEU A 106 9.19 -8.88 19.45
CA LEU A 106 8.29 -9.34 20.54
C LEU A 106 9.17 -10.05 21.56
N ASP A 107 9.26 -9.55 22.79
CA ASP A 107 10.41 -9.81 23.67
C ASP A 107 9.99 -10.67 24.86
N ASN A 108 8.94 -10.23 25.58
CA ASN A 108 8.66 -10.72 26.96
C ASN A 108 7.22 -11.33 26.98
N TRP A 109 7.12 -12.46 26.23
CA TRP A 109 5.84 -13.17 25.95
C TRP A 109 5.29 -13.71 27.27
N GLY A 110 3.98 -14.00 27.29
CA GLY A 110 3.32 -14.74 28.39
C GLY A 110 3.40 -16.25 28.18
N GLN A 111 3.01 -17.01 29.21
CA GLN A 111 2.82 -18.50 29.16
C GLN A 111 2.08 -18.90 27.86
N GLY A 112 0.97 -18.17 27.56
CA GLY A 112 -0.05 -18.52 26.55
C GLY A 112 -1.32 -19.02 27.21
N THR A 113 -2.42 -19.16 26.46
CA THR A 113 -3.62 -19.97 26.84
C THR A 113 -4.13 -20.71 25.60
N LEU A 114 -4.30 -22.03 25.70
CA LEU A 114 -4.98 -22.87 24.68
C LEU A 114 -6.48 -22.57 24.78
N VAL A 115 -7.07 -22.18 23.64
CA VAL A 115 -8.54 -22.07 23.44
C VAL A 115 -8.97 -23.19 22.49
N THR A 116 -10.23 -23.64 22.65
CA THR A 116 -10.84 -24.68 21.78
C THR A 116 -12.28 -24.25 21.39
N VAL A 117 -12.59 -24.50 20.10
CA VAL A 117 -13.95 -24.49 19.50
C VAL A 117 -14.38 -25.95 19.41
N SER A 118 -15.56 -26.28 19.95
CA SER A 118 -16.14 -27.64 20.10
C SER A 118 -17.32 -27.57 21.09
N SER A 119 -18.33 -28.45 20.93
CA SER A 119 -19.58 -28.47 21.72
C SER A 119 -19.78 -29.85 22.38
N GLU B 1 0.14 -8.61 2.16
CA GLU B 1 1.02 -8.92 3.33
C GLU B 1 2.36 -9.52 2.83
N ILE B 2 3.44 -9.22 3.56
CA ILE B 2 4.81 -9.73 3.26
C ILE B 2 4.88 -11.21 3.64
N VAL B 3 5.07 -12.06 2.63
CA VAL B 3 5.21 -13.54 2.74
C VAL B 3 6.66 -13.85 3.08
N MET B 4 6.87 -14.71 4.10
CA MET B 4 8.20 -15.10 4.62
C MET B 4 8.44 -16.58 4.32
N THR B 5 9.13 -16.93 3.23
CA THR B 5 9.43 -18.33 2.86
C THR B 5 10.85 -18.71 3.39
N GLN B 6 10.86 -19.36 4.58
CA GLN B 6 12.02 -20.03 5.23
C GLN B 6 12.33 -21.37 4.57
N SER B 7 13.61 -21.66 4.34
CA SER B 7 14.11 -22.96 3.83
C SER B 7 15.43 -23.30 4.52
N PRO B 8 15.75 -24.59 4.75
CA PRO B 8 14.80 -25.70 4.56
C PRO B 8 13.73 -25.83 5.66
N THR B 9 12.71 -26.67 5.44
CA THR B 9 11.59 -26.96 6.38
C THR B 9 12.10 -27.78 7.58
N THR B 10 13.16 -28.56 7.34
CA THR B 10 13.72 -29.56 8.28
C THR B 10 15.21 -29.78 7.96
N LEU B 11 16.10 -29.49 8.93
CA LEU B 11 17.56 -29.80 8.87
C LEU B 11 17.84 -30.86 9.94
N SER B 12 18.69 -31.85 9.62
CA SER B 12 19.30 -32.83 10.55
C SER B 12 20.82 -32.79 10.38
N LEU B 13 21.53 -32.22 11.37
CA LEU B 13 23.02 -32.10 11.39
C LEU B 13 23.53 -32.64 12.74
N SER B 14 24.85 -32.77 12.91
CA SER B 14 25.47 -33.28 14.18
C SER B 14 25.83 -32.11 15.08
N PRO B 15 25.95 -32.29 16.43
CA PRO B 15 26.41 -31.23 17.30
C PRO B 15 27.81 -30.78 16.83
N GLY B 16 28.14 -29.49 16.98
CA GLY B 16 29.45 -28.94 16.58
C GLY B 16 29.48 -28.49 15.12
N GLU B 17 28.50 -28.93 14.31
CA GLU B 17 28.30 -28.44 12.92
C GLU B 17 27.58 -27.08 12.96
N ARG B 18 27.37 -26.48 11.78
CA ARG B 18 26.81 -25.12 11.56
C ARG B 18 25.43 -25.21 10.87
N ALA B 19 24.36 -24.80 11.55
CA ALA B 19 22.99 -24.64 10.99
C ALA B 19 22.83 -23.22 10.43
N THR B 20 22.72 -23.11 9.10
CA THR B 20 22.45 -21.87 8.34
C THR B 20 21.01 -21.99 7.83
N LEU B 21 20.08 -21.28 8.50
CA LEU B 21 18.64 -21.17 8.15
C LEU B 21 18.42 -19.91 7.29
N SER B 22 17.63 -20.04 6.24
CA SER B 22 17.40 -18.98 5.22
C SER B 22 15.91 -18.64 5.14
N CYS B 23 15.59 -17.33 5.20
CA CYS B 23 14.23 -16.73 5.14
C CYS B 23 14.18 -15.77 3.95
N ARG B 24 13.23 -15.93 3.03
CA ARG B 24 13.09 -15.05 1.84
C ARG B 24 11.75 -14.30 1.90
N ALA B 25 11.81 -12.96 1.88
CA ALA B 25 10.64 -12.05 1.94
C ALA B 25 10.21 -11.60 0.51
N SER B 26 8.88 -11.69 0.27
CA SER B 26 8.22 -11.34 -1.02
C SER B 26 8.45 -9.85 -1.33
N GLN B 27 8.74 -9.04 -0.31
CA GLN B 27 9.08 -7.59 -0.40
C GLN B 27 10.31 -7.33 0.46
N SER B 28 11.12 -6.32 0.08
CA SER B 28 12.30 -5.84 0.85
C SER B 28 11.84 -5.44 2.25
N VAL B 29 12.62 -5.83 3.26
CA VAL B 29 12.34 -5.53 4.69
C VAL B 29 13.50 -4.69 5.19
N ASN B 30 13.23 -3.51 5.74
CA ASN B 30 14.29 -2.70 6.39
C ASN B 30 14.81 -3.52 7.57
N THR B 31 16.14 -3.70 7.63
CA THR B 31 16.88 -4.53 8.61
C THR B 31 16.52 -4.15 10.05
N ASN B 32 15.87 -3.02 10.30
CA ASN B 32 15.49 -2.64 11.69
C ASN B 32 14.24 -3.48 12.19
N TYR B 33 13.55 -4.18 11.24
CA TYR B 33 12.22 -4.82 11.46
C TYR B 33 12.24 -6.33 11.16
N PHE B 34 13.39 -6.99 11.27
CA PHE B 34 13.53 -8.42 10.94
C PHE B 34 14.03 -9.16 12.20
N SER B 35 13.33 -10.19 12.64
CA SER B 35 13.74 -10.85 13.90
C SER B 35 13.53 -12.38 13.88
N TRP B 36 14.25 -13.09 14.77
CA TRP B 36 14.32 -14.58 14.84
C TRP B 36 13.82 -15.04 16.20
N TYR B 37 12.96 -16.08 16.19
CA TYR B 37 12.37 -16.66 17.42
C TYR B 37 12.80 -18.13 17.48
N GLN B 38 13.06 -18.60 18.69
CA GLN B 38 13.11 -20.05 19.01
C GLN B 38 11.81 -20.37 19.76
N GLN B 39 11.30 -21.71 19.47
CA GLN B 39 10.15 -22.27 20.25
C GLN B 39 10.29 -23.81 20.41
N LYS B 40 10.05 -24.28 21.64
CA LYS B 40 10.01 -25.72 22.02
C LYS B 40 8.56 -26.20 21.91
N PRO B 41 8.23 -27.15 21.00
CA PRO B 41 6.83 -27.51 20.71
C PRO B 41 5.97 -27.61 21.98
N GLY B 42 5.21 -26.54 22.28
CA GLY B 42 4.36 -26.40 23.47
C GLY B 42 4.28 -24.97 23.99
N LEU B 43 5.44 -24.36 24.29
CA LEU B 43 5.60 -23.25 25.26
C LEU B 43 6.03 -21.95 24.57
N THR B 44 6.01 -20.85 25.32
CA THR B 44 6.30 -19.46 24.90
C THR B 44 7.51 -19.39 23.95
N PRO B 45 7.37 -18.77 22.75
CA PRO B 45 8.53 -18.46 21.91
C PRO B 45 9.42 -17.30 22.44
N ARG B 46 10.76 -17.56 22.40
CA ARG B 46 11.81 -16.70 22.99
C ARG B 46 12.58 -15.97 21.87
N LEU B 47 12.70 -14.64 22.07
CA LEU B 47 13.40 -13.75 21.09
C LEU B 47 14.90 -14.12 21.09
N LEU B 48 15.42 -14.32 19.86
CA LEU B 48 16.86 -14.61 19.61
C LEU B 48 17.54 -13.32 19.13
N ILE B 49 17.04 -12.77 18.03
CA ILE B 49 17.64 -11.65 17.25
C ILE B 49 16.54 -10.66 16.87
N TYR B 50 16.75 -9.36 17.17
CA TYR B 50 16.04 -8.18 16.63
C TYR B 50 17.08 -7.32 15.91
N GLY B 51 16.65 -6.23 15.23
CA GLY B 51 17.33 -5.78 14.00
C GLY B 51 17.60 -7.05 13.21
N THR B 52 18.43 -7.06 12.19
CA THR B 52 18.65 -8.32 11.41
C THR B 52 19.68 -9.17 12.16
N SER B 53 20.39 -8.54 13.09
CA SER B 53 21.78 -8.89 13.49
C SER B 53 22.02 -8.74 15.01
N THR B 54 21.07 -8.23 15.81
CA THR B 54 21.37 -7.90 17.24
C THR B 54 20.85 -9.01 18.15
N ARG B 55 21.75 -9.61 18.93
CA ARG B 55 21.36 -10.63 19.93
C ARG B 55 20.59 -9.91 21.07
N ALA B 56 19.60 -10.64 21.61
CA ALA B 56 18.82 -10.25 22.81
C ALA B 56 19.59 -10.71 24.06
N THR B 57 19.27 -10.17 25.25
CA THR B 57 19.92 -10.54 26.53
C THR B 57 19.81 -12.07 26.74
N GLY B 58 20.91 -12.73 27.11
CA GLY B 58 20.94 -14.16 27.48
C GLY B 58 21.21 -15.08 26.31
N ILE B 59 21.30 -14.55 25.07
CA ILE B 59 21.50 -15.36 23.83
C ILE B 59 22.98 -15.44 23.49
N PRO B 60 23.57 -16.65 23.31
CA PRO B 60 25.00 -16.79 23.05
C PRO B 60 25.42 -16.52 21.59
N ALA B 61 26.75 -16.31 21.39
CA ALA B 61 27.39 -15.70 20.20
C ALA B 61 27.39 -16.66 18.99
N ARG B 62 27.14 -17.95 19.25
CA ARG B 62 26.83 -19.01 18.22
C ARG B 62 25.89 -18.44 17.14
N PHE B 63 24.83 -17.75 17.58
CA PHE B 63 23.75 -17.15 16.75
C PHE B 63 24.26 -15.87 16.07
N SER B 64 24.50 -15.94 14.75
CA SER B 64 24.86 -14.80 13.87
C SER B 64 23.71 -14.54 12.89
N GLY B 65 22.94 -13.46 13.14
CA GLY B 65 21.90 -12.93 12.25
C GLY B 65 22.53 -12.15 11.12
N SER B 66 22.02 -12.34 9.89
CA SER B 66 22.61 -11.76 8.67
C SER B 66 21.52 -11.46 7.61
N GLY B 67 21.87 -10.60 6.63
CA GLY B 67 21.09 -10.36 5.39
C GLY B 67 20.47 -8.97 5.33
N SER B 68 19.78 -8.71 4.22
CA SER B 68 19.20 -7.42 3.81
C SER B 68 18.40 -7.64 2.52
N GLY B 69 17.67 -6.61 2.09
CA GLY B 69 16.70 -6.70 1.00
C GLY B 69 15.68 -7.79 1.33
N THR B 70 15.77 -8.88 0.55
CA THR B 70 14.75 -9.95 0.46
C THR B 70 15.28 -11.16 1.22
N ASP B 71 16.60 -11.28 1.39
CA ASP B 71 17.28 -12.58 1.69
C ASP B 71 18.00 -12.51 3.05
N PHE B 72 17.41 -13.15 4.08
CA PHE B 72 17.92 -13.17 5.49
C PHE B 72 18.34 -14.59 5.94
N THR B 73 19.36 -14.63 6.79
CA THR B 73 20.10 -15.87 7.14
C THR B 73 20.35 -15.91 8.65
N LEU B 74 20.07 -17.06 9.27
CA LEU B 74 20.34 -17.31 10.70
C LEU B 74 21.36 -18.47 10.82
N THR B 75 22.63 -18.14 11.09
CA THR B 75 23.78 -19.07 11.23
C THR B 75 23.96 -19.43 12.72
N ILE B 76 23.93 -20.73 13.04
CA ILE B 76 24.32 -21.31 14.37
C ILE B 76 25.53 -22.25 14.17
N SER B 77 26.68 -21.92 14.77
CA SER B 77 28.04 -22.33 14.30
C SER B 77 28.49 -23.64 14.94
N SER B 78 28.13 -23.88 16.20
CA SER B 78 28.52 -25.12 16.95
C SER B 78 27.31 -25.61 17.76
N LEU B 79 26.48 -26.44 17.09
CA LEU B 79 25.14 -26.82 17.59
C LEU B 79 25.23 -27.68 18.85
N GLN B 80 24.34 -27.45 19.84
CA GLN B 80 24.27 -28.24 21.11
C GLN B 80 22.85 -28.77 21.37
N PRO B 81 22.70 -29.95 22.01
CA PRO B 81 21.40 -30.55 22.32
C PRO B 81 20.16 -29.67 22.58
N GLU B 82 20.33 -28.64 23.45
CA GLU B 82 19.23 -27.73 23.89
C GLU B 82 18.82 -26.74 22.77
N ASP B 83 19.58 -26.70 21.66
CA ASP B 83 19.24 -25.98 20.40
C ASP B 83 18.25 -26.79 19.55
N PHE B 84 17.37 -27.57 20.19
CA PHE B 84 16.31 -28.34 19.50
C PHE B 84 15.05 -27.47 19.44
N GLY B 85 14.22 -27.73 18.43
CA GLY B 85 12.84 -27.22 18.33
C GLY B 85 12.70 -26.44 17.03
N ILE B 86 11.73 -25.46 17.07
CA ILE B 86 11.41 -24.69 15.83
C ILE B 86 11.98 -23.24 15.97
N TYR B 87 12.44 -22.75 14.76
CA TYR B 87 12.99 -21.39 14.48
C TYR B 87 12.17 -20.68 13.38
N TYR B 88 11.65 -19.49 13.77
CA TYR B 88 10.83 -18.59 12.91
C TYR B 88 11.57 -17.27 12.68
N CYS B 89 11.59 -16.79 11.42
CA CYS B 89 11.84 -15.36 11.06
C CYS B 89 10.53 -14.58 11.18
N GLN B 90 10.63 -13.27 11.46
CA GLN B 90 9.52 -12.31 11.71
C GLN B 90 9.85 -10.91 11.11
N GLN B 91 8.87 -10.28 10.44
CA GLN B 91 8.92 -8.88 9.95
C GLN B 91 7.76 -8.10 10.60
N ASP B 92 8.05 -6.87 11.07
CA ASP B 92 7.06 -5.85 11.52
C ASP B 92 7.31 -4.49 10.78
N TYR B 93 7.77 -4.54 9.54
CA TYR B 93 7.94 -3.39 8.60
C TYR B 93 6.57 -2.92 8.09
N ASN B 94 5.74 -3.89 7.69
CA ASN B 94 4.37 -3.75 7.13
C ASN B 94 3.39 -4.56 8.00
N LEU B 95 2.15 -4.07 8.10
CA LEU B 95 0.98 -4.75 8.71
C LEU B 95 0.26 -5.55 7.62
N PRO B 96 -0.16 -6.81 7.91
CA PRO B 96 0.08 -7.40 9.23
C PRO B 96 1.65 -7.69 9.32
N TYR B 97 2.08 -7.72 10.60
CA TYR B 97 3.25 -8.54 11.02
C TYR B 97 3.01 -9.97 10.50
N THR B 98 4.12 -10.67 10.10
CA THR B 98 4.10 -12.03 9.50
C THR B 98 5.31 -12.85 9.97
N PHE B 99 5.06 -14.09 10.37
CA PHE B 99 6.08 -15.12 10.70
C PHE B 99 6.22 -16.14 9.54
N GLY B 100 7.43 -16.70 9.40
CA GLY B 100 7.71 -17.79 8.46
C GLY B 100 7.08 -19.13 8.91
N GLN B 101 7.02 -20.08 7.93
CA GLN B 101 6.39 -21.41 8.09
C GLN B 101 7.10 -22.17 9.22
N GLY B 102 8.33 -21.76 9.57
CA GLY B 102 9.20 -22.40 10.59
C GLY B 102 10.17 -23.40 9.96
N THR B 103 11.35 -23.56 10.56
CA THR B 103 12.42 -24.52 10.14
C THR B 103 12.67 -25.52 11.28
N TYR B 104 12.50 -26.82 11.02
CA TYR B 104 12.59 -27.87 12.07
C TYR B 104 14.03 -28.44 12.11
N LEU B 105 14.71 -28.24 13.25
CA LEU B 105 16.15 -28.60 13.44
C LEU B 105 16.32 -29.77 14.44
N GLU B 106 16.55 -30.99 13.95
CA GLU B 106 16.99 -32.18 14.77
C GLU B 106 18.53 -32.34 14.73
N ILE B 107 19.12 -32.55 15.96
CA ILE B 107 20.55 -32.95 16.12
C ILE B 107 20.68 -34.46 15.82
N LYS B 108 21.58 -34.84 14.88
CA LYS B 108 21.97 -36.24 14.57
C LYS B 108 22.82 -36.79 15.72
N TRP C 1 -9.73 40.22 3.95
CA TRP C 1 -8.35 39.71 3.72
C TRP C 1 -8.47 38.47 2.82
N GLU C 2 -7.73 38.48 1.71
CA GLU C 2 -7.88 37.50 0.61
C GLU C 2 -6.64 36.60 0.51
N LEU C 3 -6.84 35.29 0.39
CA LEU C 3 -5.75 34.29 0.24
C LEU C 3 -6.02 33.48 -1.04
N THR C 4 -4.96 33.18 -1.79
CA THR C 4 -4.97 32.22 -2.94
C THR C 4 -4.23 30.94 -2.52
N ILE C 5 -4.95 29.83 -2.37
CA ILE C 5 -4.35 28.50 -2.11
C ILE C 5 -4.17 27.81 -3.46
N LEU C 6 -2.92 27.52 -3.82
CA LEU C 6 -2.55 26.59 -4.90
C LEU C 6 -2.23 25.25 -4.22
N HIS C 7 -2.73 24.14 -4.77
CA HIS C 7 -2.56 22.82 -4.13
C HIS C 7 -2.38 21.72 -5.18
N THR C 8 -1.42 20.83 -4.91
CA THR C 8 -1.22 19.52 -5.58
C THR C 8 -1.41 18.36 -4.56
N ASN C 9 -1.69 17.18 -5.07
CA ASN C 9 -1.81 15.92 -4.29
C ASN C 9 -1.63 14.75 -5.27
N ASP C 10 -1.09 13.66 -4.73
CA ASP C 10 -0.87 12.38 -5.44
C ASP C 10 -0.18 12.66 -6.77
N VAL C 11 0.92 13.42 -6.80
CA VAL C 11 1.68 13.75 -8.05
C VAL C 11 2.44 12.50 -8.54
N HIS C 12 2.72 11.62 -7.59
CA HIS C 12 3.18 10.25 -7.87
C HIS C 12 4.31 10.26 -8.89
N SER C 13 5.31 11.09 -8.60
CA SER C 13 6.65 11.04 -9.22
C SER C 13 6.59 11.44 -10.69
N ARG C 14 5.54 12.18 -11.08
CA ARG C 14 5.32 12.61 -12.48
C ARG C 14 6.07 13.92 -12.67
N LEU C 15 7.40 13.85 -12.62
CA LEU C 15 8.28 15.07 -12.63
C LEU C 15 8.31 15.70 -14.02
N GLU C 16 8.27 14.86 -15.04
CA GLU C 16 8.28 15.26 -16.46
C GLU C 16 6.83 15.40 -16.93
N GLN C 17 6.62 16.11 -18.04
CA GLN C 17 5.25 16.24 -18.60
C GLN C 17 4.83 14.81 -18.97
N THR C 18 3.54 14.52 -18.86
CA THR C 18 2.92 13.21 -19.13
C THR C 18 2.07 13.32 -20.41
N SER C 19 1.48 12.19 -20.85
CA SER C 19 0.34 12.12 -21.80
C SER C 19 -0.93 12.60 -21.07
N GLU C 20 -2.06 12.67 -21.78
CA GLU C 20 -3.37 13.05 -21.19
C GLU C 20 -3.83 11.95 -20.22
N ASP C 21 -3.38 10.70 -20.43
CA ASP C 21 -3.65 9.50 -19.58
C ASP C 21 -2.50 9.29 -18.57
N SER C 22 -1.75 10.34 -18.24
CA SER C 22 -0.72 10.36 -17.17
C SER C 22 0.38 9.29 -17.35
N SER C 23 0.70 8.92 -18.60
CA SER C 23 1.83 8.03 -18.97
C SER C 23 2.88 8.85 -19.72
N LYS C 24 3.78 8.21 -20.44
CA LYS C 24 4.95 8.91 -21.06
C LYS C 24 4.46 9.76 -22.22
N CYS C 25 5.15 10.88 -22.44
CA CYS C 25 4.77 11.96 -23.36
C CYS C 25 5.30 11.69 -24.77
N VAL C 26 4.41 11.51 -25.74
CA VAL C 26 4.79 11.21 -27.15
C VAL C 26 4.65 12.49 -27.99
N ASN C 27 3.43 13.01 -28.22
CA ASN C 27 3.18 14.25 -28.99
C ASN C 27 3.26 15.43 -28.02
N ALA C 28 4.22 16.35 -28.21
CA ALA C 28 4.56 17.46 -27.28
C ALA C 28 3.32 18.32 -27.01
N SER C 29 2.58 18.64 -28.09
CA SER C 29 1.39 19.53 -28.09
C SER C 29 0.21 18.92 -27.34
N ARG C 30 0.15 17.59 -27.18
CA ARG C 30 -0.92 16.88 -26.42
C ARG C 30 -0.44 16.55 -24.99
N CYS C 31 0.64 17.13 -24.48
CA CYS C 31 1.25 16.69 -23.17
C CYS C 31 0.93 17.68 -22.05
N MET C 32 1.14 17.27 -20.79
CA MET C 32 0.54 17.96 -19.62
C MET C 32 1.35 17.75 -18.33
N GLY C 33 1.10 18.64 -17.36
CA GLY C 33 1.78 18.65 -16.07
C GLY C 33 3.29 18.70 -16.23
N GLY C 34 3.99 18.12 -15.25
CA GLY C 34 5.43 18.26 -15.01
C GLY C 34 5.69 19.49 -14.16
N VAL C 35 6.77 19.45 -13.37
CA VAL C 35 7.22 20.58 -12.52
C VAL C 35 7.59 21.79 -13.40
N ALA C 36 8.16 21.63 -14.60
CA ALA C 36 8.62 22.83 -15.35
C ALA C 36 7.40 23.69 -15.72
N ARG C 37 6.31 23.05 -16.14
CA ARG C 37 5.04 23.74 -16.51
C ARG C 37 4.36 24.27 -15.24
N LEU C 38 4.34 23.46 -14.17
CA LEU C 38 3.76 23.86 -12.86
C LEU C 38 4.48 25.12 -12.36
N PHE C 39 5.80 25.20 -12.50
CA PHE C 39 6.59 26.40 -12.12
C PHE C 39 6.07 27.62 -12.89
N THR C 40 5.79 27.48 -14.19
CA THR C 40 5.33 28.62 -15.04
C THR C 40 4.03 29.17 -14.46
N LYS C 41 3.04 28.32 -14.20
CA LYS C 41 1.69 28.77 -13.76
C LYS C 41 1.83 29.36 -12.35
N VAL C 42 2.63 28.74 -11.49
CA VAL C 42 2.75 29.20 -10.07
C VAL C 42 3.41 30.60 -10.03
N GLN C 43 4.51 30.80 -10.74
CA GLN C 43 5.22 32.10 -10.85
C GLN C 43 4.21 33.22 -11.23
N GLN C 44 3.45 32.97 -12.31
CA GLN C 44 2.44 33.88 -12.90
C GLN C 44 1.40 34.24 -11.83
N ILE C 45 0.84 33.29 -11.10
CA ILE C 45 -0.16 33.62 -10.05
C ILE C 45 0.53 34.45 -8.95
N ARG C 46 1.75 34.09 -8.59
CA ARG C 46 2.52 34.81 -7.52
C ARG C 46 2.83 36.25 -7.97
N ARG C 47 2.99 36.48 -9.27
CA ARG C 47 3.19 37.85 -9.79
C ARG C 47 1.87 38.64 -9.81
N ALA C 48 0.69 38.01 -9.76
CA ALA C 48 -0.62 38.67 -9.93
C ALA C 48 -1.36 38.87 -8.59
N GLU C 49 -1.27 37.95 -7.61
CA GLU C 49 -1.97 38.04 -6.29
C GLU C 49 -0.96 38.24 -5.18
N PRO C 50 -1.25 39.08 -4.15
CA PRO C 50 -0.31 39.27 -3.04
C PRO C 50 -0.16 38.08 -2.07
N ASN C 51 -1.25 37.36 -1.75
CA ASN C 51 -1.27 36.36 -0.63
C ASN C 51 -1.52 34.96 -1.20
N VAL C 52 -0.42 34.25 -1.52
CA VAL C 52 -0.34 32.95 -2.20
C VAL C 52 0.37 31.93 -1.30
N LEU C 53 -0.26 30.77 -1.10
CA LEU C 53 0.32 29.52 -0.52
C LEU C 53 0.26 28.38 -1.56
N LEU C 54 1.38 27.67 -1.73
CA LEU C 54 1.51 26.44 -2.56
C LEU C 54 1.65 25.27 -1.58
N LEU C 55 0.61 24.45 -1.45
CA LEU C 55 0.51 23.32 -0.51
C LEU C 55 0.53 22.00 -1.31
N ASP C 56 1.19 20.95 -0.78
CA ASP C 56 1.03 19.56 -1.30
C ASP C 56 0.44 18.64 -0.19
N ALA C 57 -0.49 17.77 -0.57
CA ALA C 57 -1.27 16.93 0.37
C ALA C 57 -0.82 15.46 0.31
N GLY C 58 0.44 15.20 -0.05
CA GLY C 58 1.14 13.92 0.07
C GLY C 58 1.11 13.12 -1.21
N ASP C 59 1.81 11.98 -1.20
CA ASP C 59 1.99 11.02 -2.32
C ASP C 59 2.77 11.70 -3.46
N GLN C 60 3.89 12.37 -3.12
CA GLN C 60 4.98 12.75 -4.05
C GLN C 60 5.84 11.52 -4.33
N TYR C 61 6.10 10.70 -3.29
CA TYR C 61 6.86 9.44 -3.36
C TYR C 61 6.06 8.45 -4.19
N GLN C 62 6.75 7.69 -5.06
CA GLN C 62 6.34 6.46 -5.77
C GLN C 62 5.62 6.82 -7.07
N GLY C 63 5.98 6.19 -8.19
CA GLY C 63 5.19 6.25 -9.43
C GLY C 63 6.00 6.11 -10.71
N THR C 64 7.25 6.55 -10.75
CA THR C 64 8.07 6.47 -12.00
C THR C 64 9.51 6.11 -11.64
N ILE C 65 10.32 5.88 -12.69
CA ILE C 65 11.79 5.65 -12.59
C ILE C 65 12.45 6.75 -11.73
N TRP C 66 11.90 7.97 -11.72
CA TRP C 66 12.44 9.12 -10.92
C TRP C 66 12.56 8.67 -9.47
N PHE C 67 11.45 8.17 -8.89
CA PHE C 67 11.43 7.72 -7.47
C PHE C 67 12.33 6.50 -7.28
N THR C 68 12.33 5.55 -8.20
CA THR C 68 13.15 4.31 -8.09
C THR C 68 14.64 4.62 -8.08
N VAL C 69 15.10 5.54 -8.93
CA VAL C 69 16.54 5.90 -9.03
C VAL C 69 16.94 6.92 -7.96
N TYR C 70 16.14 7.96 -7.66
CA TYR C 70 16.61 9.09 -6.80
C TYR C 70 16.00 9.01 -5.40
N LYS C 71 14.93 8.24 -5.20
CA LYS C 71 14.50 7.76 -3.86
C LYS C 71 14.06 8.93 -3.01
N GLY C 72 13.59 10.01 -3.66
CA GLY C 72 12.97 11.18 -3.02
C GLY C 72 13.92 12.35 -2.87
N ALA C 73 15.18 12.21 -3.31
CA ALA C 73 16.08 13.37 -3.55
C ALA C 73 15.46 14.35 -4.58
N GLU C 74 14.87 13.82 -5.66
CA GLU C 74 14.15 14.57 -6.74
C GLU C 74 12.95 15.35 -6.17
N VAL C 75 12.29 14.79 -5.15
CA VAL C 75 11.08 15.41 -4.56
C VAL C 75 11.55 16.65 -3.82
N ALA C 76 12.61 16.54 -3.05
CA ALA C 76 13.14 17.63 -2.21
C ALA C 76 13.68 18.73 -3.15
N HIS C 77 14.53 18.38 -4.10
CA HIS C 77 15.11 19.37 -5.03
C HIS C 77 14.00 20.15 -5.75
N PHE C 78 13.04 19.49 -6.38
CA PHE C 78 12.08 20.14 -7.32
C PHE C 78 10.93 20.76 -6.55
N MET C 79 10.63 20.30 -5.33
CA MET C 79 9.63 21.01 -4.48
C MET C 79 10.27 22.28 -3.88
N ASN C 80 11.56 22.20 -3.52
CA ASN C 80 12.36 23.36 -3.03
C ASN C 80 12.42 24.42 -4.14
N ALA C 81 12.62 24.02 -5.39
CA ALA C 81 12.78 24.95 -6.53
C ALA C 81 11.44 25.68 -6.76
N LEU C 82 10.32 25.03 -6.41
CA LEU C 82 8.96 25.59 -6.60
C LEU C 82 8.50 26.34 -5.35
N ARG C 83 9.29 26.29 -4.27
CA ARG C 83 9.02 27.05 -3.03
C ARG C 83 7.62 26.69 -2.57
N TYR C 84 7.34 25.41 -2.53
CA TYR C 84 6.19 24.93 -1.73
C TYR C 84 6.25 25.55 -0.32
N ASP C 85 5.10 25.85 0.25
CA ASP C 85 5.03 26.51 1.59
C ASP C 85 4.82 25.42 2.67
N ALA C 86 4.28 24.25 2.32
CA ALA C 86 3.97 23.14 3.27
C ALA C 86 3.53 21.91 2.49
N MET C 87 3.89 20.74 3.04
CA MET C 87 3.49 19.41 2.56
C MET C 87 2.92 18.60 3.75
N ALA C 88 1.81 17.89 3.55
CA ALA C 88 1.36 16.83 4.50
C ALA C 88 1.94 15.49 4.03
N LEU C 89 2.33 14.65 4.99
CA LEU C 89 2.76 13.26 4.69
C LEU C 89 1.55 12.47 4.11
N GLY C 90 1.81 11.81 2.96
CA GLY C 90 1.03 10.68 2.39
C GLY C 90 1.50 9.29 2.85
N ASN C 91 0.68 8.24 2.58
CA ASN C 91 1.06 6.83 2.89
C ASN C 91 2.35 6.43 2.10
N HIS C 92 2.47 6.86 0.82
CA HIS C 92 3.61 6.40 -0.04
C HIS C 92 4.93 7.05 0.40
N GLU C 93 4.88 8.17 1.14
CA GLU C 93 6.09 8.74 1.78
C GLU C 93 6.77 7.72 2.72
N PHE C 94 6.08 6.63 3.14
CA PHE C 94 6.69 5.58 4.01
C PHE C 94 7.08 4.30 3.24
N ASP C 95 7.08 4.33 1.90
CA ASP C 95 7.28 3.13 1.04
C ASP C 95 8.70 2.59 1.13
N ASN C 96 9.70 3.48 1.32
CA ASN C 96 11.11 3.10 1.64
C ASN C 96 11.28 3.24 3.17
N GLY C 97 10.21 3.07 3.96
CA GLY C 97 10.26 3.09 5.43
C GLY C 97 10.36 4.50 5.99
N VAL C 98 10.23 4.64 7.31
CA VAL C 98 10.50 5.95 7.97
C VAL C 98 11.96 6.33 7.70
N GLU C 99 12.87 5.36 7.66
CA GLU C 99 14.30 5.54 7.29
C GLU C 99 14.44 6.26 5.93
N GLY C 100 13.66 5.86 4.93
CA GLY C 100 13.75 6.39 3.55
C GLY C 100 12.92 7.66 3.36
N LEU C 101 12.25 8.13 4.43
CA LEU C 101 11.47 9.37 4.46
C LEU C 101 12.42 10.46 4.98
N ILE C 102 13.00 10.18 6.13
CA ILE C 102 14.03 11.00 6.82
C ILE C 102 15.17 11.29 5.84
N GLU C 103 15.73 10.26 5.20
CA GLU C 103 17.13 10.38 4.74
C GLU C 103 17.16 11.39 3.60
N PRO C 104 16.42 11.21 2.49
CA PRO C 104 16.30 12.33 1.54
C PRO C 104 15.25 13.37 2.00
N LEU C 105 13.96 13.05 2.09
CA LEU C 105 12.92 14.12 2.18
C LEU C 105 13.08 14.98 3.44
N LEU C 106 12.88 14.45 4.65
CA LEU C 106 12.78 15.33 5.84
C LEU C 106 14.10 16.13 6.03
N LYS C 107 15.24 15.63 5.57
CA LYS C 107 16.56 16.26 5.82
C LYS C 107 16.86 17.36 4.78
N GLU C 108 16.31 17.30 3.56
CA GLU C 108 16.66 18.19 2.42
C GLU C 108 15.52 19.19 2.09
N ALA C 109 14.29 18.97 2.54
CA ALA C 109 13.13 19.86 2.29
C ALA C 109 13.25 21.14 3.13
N LYS C 110 13.13 22.31 2.48
CA LYS C 110 13.23 23.65 3.13
C LYS C 110 11.87 24.08 3.71
N PHE C 111 10.82 23.42 3.23
CA PHE C 111 9.43 23.67 3.66
C PHE C 111 9.03 22.72 4.80
N PRO C 112 8.09 23.19 5.64
CA PRO C 112 7.54 22.39 6.72
C PRO C 112 6.79 21.19 6.12
N ILE C 113 6.90 20.05 6.81
CA ILE C 113 6.19 18.78 6.51
C ILE C 113 5.38 18.37 7.74
N LEU C 114 4.11 18.06 7.55
CA LEU C 114 3.10 18.06 8.63
C LEU C 114 2.36 16.72 8.69
N SER C 115 2.14 16.30 9.93
CA SER C 115 1.17 15.25 10.32
C SER C 115 0.93 15.32 11.84
N ALA C 116 -0.26 15.78 12.20
CA ALA C 116 -0.72 15.92 13.58
C ALA C 116 -1.09 14.54 14.14
N ASN C 117 -1.34 13.50 13.33
CA ASN C 117 -1.80 12.19 13.85
C ASN C 117 -0.73 11.08 13.72
N ILE C 118 0.52 11.39 13.32
CA ILE C 118 1.63 10.39 13.35
C ILE C 118 2.44 10.66 14.62
N LYS C 119 2.46 9.71 15.57
CA LYS C 119 3.33 9.85 16.78
C LYS C 119 4.54 8.91 16.64
N ALA C 120 5.74 9.43 16.98
CA ALA C 120 7.01 8.67 16.99
C ALA C 120 7.28 8.14 18.40
N LYS C 121 7.93 6.99 18.51
CA LYS C 121 8.28 6.34 19.82
C LYS C 121 9.56 5.53 19.66
N GLY C 122 10.03 4.92 20.75
CA GLY C 122 11.29 4.16 20.72
C GLY C 122 12.45 5.11 20.42
N PRO C 123 13.57 4.58 19.89
CA PRO C 123 14.73 5.41 19.56
C PRO C 123 14.51 6.28 18.32
N LEU C 124 13.42 6.04 17.59
CA LEU C 124 13.05 6.95 16.49
C LEU C 124 12.59 8.31 17.04
N ALA C 125 12.05 8.41 18.27
CA ALA C 125 11.48 9.68 18.77
C ALA C 125 12.55 10.77 18.75
N SER C 126 13.76 10.44 19.20
CA SER C 126 14.90 11.39 19.20
C SER C 126 15.44 11.65 17.80
N GLN C 127 15.38 10.67 16.89
CA GLN C 127 16.07 10.73 15.57
C GLN C 127 15.23 11.57 14.60
N ILE C 128 13.92 11.64 14.80
CA ILE C 128 12.98 12.29 13.85
C ILE C 128 12.46 13.61 14.43
N SER C 129 12.72 13.85 15.71
CA SER C 129 12.34 15.04 16.51
C SER C 129 12.53 16.33 15.69
N GLY C 130 11.44 17.05 15.46
CA GLY C 130 11.45 18.34 14.78
C GLY C 130 11.45 18.22 13.25
N LEU C 131 11.57 17.03 12.65
CA LEU C 131 11.71 16.91 11.17
C LEU C 131 10.36 16.92 10.44
N TYR C 132 9.26 16.55 11.13
CA TYR C 132 7.85 16.79 10.70
C TYR C 132 7.14 17.47 11.85
N LEU C 133 5.99 18.05 11.59
CA LEU C 133 5.39 18.97 12.58
C LEU C 133 3.94 18.57 12.74
N PRO C 134 3.36 18.79 13.95
CA PRO C 134 1.90 18.73 14.11
C PRO C 134 1.17 19.90 13.40
N TYR C 135 1.68 21.13 13.53
CA TYR C 135 1.11 22.37 12.95
C TYR C 135 2.22 23.32 12.53
N LYS C 136 1.87 24.31 11.71
CA LYS C 136 2.83 25.37 11.29
C LYS C 136 2.11 26.73 11.24
N VAL C 137 2.66 27.72 11.95
CA VAL C 137 2.29 29.17 11.85
C VAL C 137 3.08 29.76 10.67
N LEU C 138 2.43 30.04 9.53
CA LEU C 138 3.02 30.69 8.33
C LEU C 138 2.69 32.18 8.30
N PRO C 139 3.69 33.08 8.32
CA PRO C 139 3.44 34.47 7.95
C PRO C 139 3.12 34.54 6.45
N VAL C 140 2.04 35.24 6.09
CA VAL C 140 1.61 35.57 4.70
C VAL C 140 1.22 37.05 4.69
N GLY C 141 2.03 37.92 4.06
CA GLY C 141 1.88 39.38 4.19
C GLY C 141 2.04 39.79 5.65
N ASP C 142 1.10 40.61 6.17
CA ASP C 142 1.10 41.02 7.60
C ASP C 142 0.09 40.17 8.42
N GLU C 143 -0.33 39.01 7.90
CA GLU C 143 -1.19 38.06 8.66
C GLU C 143 -0.42 36.73 8.90
N VAL C 144 -1.00 35.85 9.72
CA VAL C 144 -0.54 34.44 9.87
C VAL C 144 -1.68 33.50 9.50
N VAL C 145 -1.30 32.38 8.92
CA VAL C 145 -2.19 31.21 8.66
C VAL C 145 -1.59 29.95 9.34
N GLY C 146 -2.41 29.22 10.10
CA GLY C 146 -2.00 27.96 10.69
C GLY C 146 -2.27 26.85 9.69
N ILE C 147 -1.35 25.90 9.51
CA ILE C 147 -1.60 24.59 8.85
C ILE C 147 -1.51 23.47 9.90
N VAL C 148 -2.46 22.54 9.87
CA VAL C 148 -2.42 21.25 10.61
C VAL C 148 -2.47 20.15 9.56
N GLY C 149 -1.55 19.18 9.64
CA GLY C 149 -1.50 18.05 8.69
C GLY C 149 -2.17 16.81 9.25
N TYR C 150 -2.44 15.83 8.40
CA TYR C 150 -2.99 14.52 8.81
C TYR C 150 -2.68 13.51 7.70
N THR C 151 -2.52 12.24 8.12
CA THR C 151 -2.13 11.09 7.26
C THR C 151 -3.06 9.87 7.55
N SER C 152 -3.49 9.16 6.51
CA SER C 152 -4.37 7.98 6.60
C SER C 152 -3.95 7.07 7.76
N LYS C 153 -4.87 6.76 8.65
CA LYS C 153 -4.72 5.72 9.72
C LYS C 153 -4.23 4.39 9.14
N GLU C 154 -4.50 4.14 7.86
CA GLU C 154 -4.28 2.83 7.17
C GLU C 154 -2.84 2.71 6.63
N THR C 155 -1.99 3.75 6.79
CA THR C 155 -0.61 3.76 6.20
C THR C 155 0.18 2.50 6.68
N PRO C 156 0.04 2.08 7.95
CA PRO C 156 0.71 0.86 8.45
C PRO C 156 0.42 -0.46 7.69
N PHE C 157 -0.68 -0.51 6.94
CA PHE C 157 -1.03 -1.60 5.95
C PHE C 157 -0.54 -1.26 4.52
N LEU C 158 -0.77 -0.01 4.09
CA LEU C 158 -0.63 0.45 2.67
C LEU C 158 0.87 0.66 2.30
N SER C 159 1.70 0.75 3.34
CA SER C 159 3.14 1.13 3.24
C SER C 159 3.94 0.54 4.42
N ASN C 160 5.18 1.00 4.65
CA ASN C 160 6.19 0.30 5.50
C ASN C 160 6.72 1.22 6.66
N PRO C 161 5.82 1.91 7.40
CA PRO C 161 6.26 2.86 8.45
C PRO C 161 6.98 2.22 9.65
N GLY C 162 6.89 0.89 9.81
CA GLY C 162 7.53 0.16 10.91
C GLY C 162 6.87 0.47 12.25
N THR C 163 7.44 -0.08 13.32
CA THR C 163 6.78 -0.26 14.63
C THR C 163 6.84 1.05 15.45
N ASN C 164 7.75 1.97 15.08
CA ASN C 164 8.07 3.15 15.93
C ASN C 164 7.21 4.36 15.54
N LEU C 165 6.18 4.15 14.71
CA LEU C 165 5.15 5.19 14.43
C LEU C 165 3.74 4.66 14.77
N VAL C 166 2.92 5.57 15.33
CA VAL C 166 1.47 5.46 15.69
C VAL C 166 0.65 6.44 14.83
N PHE C 167 -0.16 5.88 13.92
CA PHE C 167 -1.18 6.56 13.09
C PHE C 167 -2.54 6.54 13.82
N GLU C 168 -2.77 7.62 14.57
CA GLU C 168 -3.96 7.85 15.43
C GLU C 168 -5.12 8.42 14.62
N ASP C 169 -6.33 8.30 15.17
CA ASP C 169 -7.56 8.89 14.57
C ASP C 169 -7.29 10.37 14.20
N GLU C 170 -7.56 10.76 12.95
CA GLU C 170 -7.30 12.14 12.43
C GLU C 170 -8.09 13.17 13.26
N ILE C 171 -9.39 12.98 13.46
CA ILE C 171 -10.26 13.97 14.15
C ILE C 171 -9.72 14.19 15.55
N THR C 172 -9.42 13.12 16.28
CA THR C 172 -8.98 13.19 17.69
C THR C 172 -7.63 13.89 17.81
N ALA C 173 -6.69 13.59 16.92
CA ALA C 173 -5.32 14.15 16.93
C ALA C 173 -5.37 15.59 16.42
N LEU C 174 -6.27 15.93 15.49
CA LEU C 174 -6.28 17.28 14.86
C LEU C 174 -6.78 18.31 15.87
N GLN C 175 -7.80 17.97 16.66
CA GLN C 175 -8.53 18.99 17.46
C GLN C 175 -7.58 19.69 18.42
N PRO C 176 -6.68 19.00 19.17
CA PRO C 176 -5.81 19.70 20.12
C PRO C 176 -4.81 20.61 19.39
N GLU C 177 -4.37 20.25 18.18
CA GLU C 177 -3.41 21.10 17.41
C GLU C 177 -4.13 22.35 16.88
N VAL C 178 -5.40 22.24 16.51
CA VAL C 178 -6.19 23.42 16.09
C VAL C 178 -6.39 24.32 17.32
N ASP C 179 -6.66 23.73 18.48
CA ASP C 179 -6.91 24.46 19.76
C ASP C 179 -5.64 25.24 20.12
N LYS C 180 -4.46 24.62 19.93
CA LYS C 180 -3.15 25.24 20.22
C LYS C 180 -2.95 26.48 19.34
N LEU C 181 -3.12 26.37 18.03
CA LEU C 181 -3.06 27.53 17.08
C LEU C 181 -3.99 28.67 17.55
N LYS C 182 -5.22 28.36 17.98
CA LYS C 182 -6.19 29.37 18.51
C LYS C 182 -5.59 30.06 19.75
N THR C 183 -4.83 29.36 20.59
CA THR C 183 -4.23 29.95 21.82
C THR C 183 -3.02 30.82 21.41
N LEU C 184 -2.36 30.51 20.30
CA LEU C 184 -1.28 31.37 19.72
C LEU C 184 -1.91 32.52 18.89
N ASN C 185 -3.23 32.73 18.98
CA ASN C 185 -3.95 33.89 18.38
C ASN C 185 -3.94 33.79 16.85
N VAL C 186 -3.97 32.56 16.32
CA VAL C 186 -4.14 32.24 14.88
C VAL C 186 -5.63 31.98 14.61
N ASN C 187 -6.21 32.78 13.72
CA ASN C 187 -7.68 32.84 13.51
C ASN C 187 -8.00 32.31 12.10
N LYS C 188 -6.98 31.89 11.34
CA LYS C 188 -7.16 31.35 9.98
C LYS C 188 -6.44 30.02 9.91
N ILE C 189 -7.15 28.93 9.66
CA ILE C 189 -6.59 27.54 9.81
C ILE C 189 -7.00 26.66 8.63
N ILE C 190 -6.01 26.04 8.01
CA ILE C 190 -6.14 25.07 6.89
C ILE C 190 -5.71 23.68 7.37
N ALA C 191 -6.57 22.67 7.19
CA ALA C 191 -6.22 21.26 7.36
C ALA C 191 -5.75 20.79 6.00
N LEU C 192 -4.49 20.40 5.95
CA LEU C 192 -3.79 19.87 4.75
C LEU C 192 -3.48 18.39 5.00
N GLY C 193 -4.01 17.47 4.20
CA GLY C 193 -3.86 16.06 4.60
C GLY C 193 -4.19 15.02 3.56
N HIS C 194 -4.02 13.75 3.97
CA HIS C 194 -3.94 12.58 3.06
C HIS C 194 -4.66 11.36 3.68
N SER C 195 -5.98 11.43 3.81
CA SER C 195 -6.90 10.33 4.21
C SER C 195 -8.04 10.14 3.19
N GLY C 196 -8.13 10.93 2.11
CA GLY C 196 -9.26 10.84 1.18
C GLY C 196 -10.38 11.84 1.50
N PHE C 197 -11.28 11.94 0.50
CA PHE C 197 -12.39 12.93 0.41
C PHE C 197 -13.43 12.64 1.50
N GLU C 198 -13.77 11.38 1.73
CA GLU C 198 -14.77 11.04 2.79
C GLU C 198 -14.26 11.56 4.15
N MET C 199 -12.97 11.32 4.47
CA MET C 199 -12.34 11.79 5.73
C MET C 199 -12.20 13.34 5.75
N ASP C 200 -11.82 13.95 4.61
CA ASP C 200 -11.75 15.43 4.42
C ASP C 200 -13.11 16.09 4.82
N LYS C 201 -14.21 15.55 4.31
CA LYS C 201 -15.58 15.98 4.68
C LYS C 201 -15.81 15.86 6.20
N LEU C 202 -15.39 14.75 6.85
CA LEU C 202 -15.70 14.52 8.29
C LEU C 202 -14.87 15.49 9.14
N ILE C 203 -13.61 15.74 8.72
CA ILE C 203 -12.73 16.73 9.38
C ILE C 203 -13.44 18.09 9.30
N ALA C 204 -13.90 18.49 8.11
CA ALA C 204 -14.53 19.82 7.89
C ALA C 204 -15.75 19.90 8.81
N GLN C 205 -16.46 18.80 8.95
CA GLN C 205 -17.70 18.75 9.78
C GLN C 205 -17.39 18.78 11.28
N LYS C 206 -16.33 18.13 11.74
CA LYS C 206 -16.19 17.73 13.18
C LYS C 206 -15.08 18.50 13.90
N VAL C 207 -14.05 18.99 13.19
CA VAL C 207 -12.92 19.69 13.86
C VAL C 207 -13.27 21.19 13.96
N ARG C 208 -13.62 21.65 15.17
CA ARG C 208 -13.92 23.08 15.48
C ARG C 208 -12.70 23.96 15.17
N GLY C 209 -12.84 24.89 14.23
CA GLY C 209 -11.84 25.96 14.00
C GLY C 209 -11.10 25.76 12.71
N VAL C 210 -11.37 24.67 11.99
CA VAL C 210 -10.80 24.48 10.62
C VAL C 210 -11.57 25.37 9.60
N ASP C 211 -10.88 26.28 8.92
CA ASP C 211 -11.53 27.19 7.94
C ASP C 211 -11.70 26.51 6.59
N VAL C 212 -10.73 25.69 6.17
CA VAL C 212 -10.58 25.10 4.80
C VAL C 212 -9.93 23.73 4.91
N VAL C 213 -10.29 22.75 4.06
CA VAL C 213 -9.64 21.42 4.04
C VAL C 213 -9.06 21.17 2.63
N VAL C 214 -7.76 20.86 2.56
CA VAL C 214 -7.03 20.58 1.29
C VAL C 214 -6.55 19.14 1.40
N GLY C 215 -6.90 18.30 0.45
CA GLY C 215 -6.94 16.84 0.61
C GLY C 215 -6.25 16.08 -0.50
N GLY C 216 -6.10 14.77 -0.29
CA GLY C 216 -5.52 13.81 -1.24
C GLY C 216 -6.03 12.40 -1.03
N HIS C 217 -5.30 11.44 -1.59
CA HIS C 217 -5.42 9.97 -1.38
C HIS C 217 -6.48 9.37 -2.31
N SER C 218 -7.66 9.96 -2.43
CA SER C 218 -8.77 9.43 -3.26
C SER C 218 -8.70 9.96 -4.71
N ASN C 219 -7.67 10.72 -5.10
CA ASN C 219 -7.53 11.21 -6.51
C ASN C 219 -8.83 11.93 -6.96
N THR C 220 -9.51 12.62 -6.07
CA THR C 220 -10.85 13.19 -6.33
C THR C 220 -10.73 14.46 -7.20
N PHE C 221 -11.39 14.45 -8.35
CA PHE C 221 -11.60 15.60 -9.26
C PHE C 221 -12.90 16.33 -8.88
N LEU C 222 -12.78 17.59 -8.45
CA LEU C 222 -13.88 18.54 -8.16
C LEU C 222 -13.77 19.64 -9.23
N TYR C 223 -14.83 19.96 -9.97
CA TYR C 223 -14.77 20.99 -11.02
C TYR C 223 -16.12 21.71 -11.07
N THR C 224 -16.13 23.04 -11.17
CA THR C 224 -17.37 23.83 -11.40
C THR C 224 -17.35 24.23 -12.85
N GLY C 225 -18.11 23.55 -13.69
CA GLY C 225 -18.14 23.86 -15.13
C GLY C 225 -18.07 22.61 -15.99
N ASN C 226 -17.97 22.82 -17.29
CA ASN C 226 -17.75 21.77 -18.31
C ASN C 226 -16.31 21.30 -18.19
N PRO C 227 -16.08 20.01 -17.86
CA PRO C 227 -14.73 19.53 -17.59
C PRO C 227 -13.83 19.75 -18.81
N PRO C 228 -12.57 20.22 -18.63
CA PRO C 228 -11.66 20.47 -19.74
C PRO C 228 -10.93 19.24 -20.30
N SER C 229 -10.92 18.12 -19.56
CA SER C 229 -10.31 16.85 -20.06
C SER C 229 -11.30 15.69 -19.83
N LYS C 230 -10.81 14.47 -19.59
CA LYS C 230 -11.60 13.22 -19.52
C LYS C 230 -12.03 12.93 -18.07
N GLU C 231 -11.51 13.64 -17.07
CA GLU C 231 -11.88 13.40 -15.65
C GLU C 231 -13.31 13.94 -15.41
N VAL C 232 -14.17 13.08 -14.88
CA VAL C 232 -15.60 13.35 -14.56
C VAL C 232 -15.61 13.75 -13.09
N PRO C 233 -16.04 14.99 -12.74
CA PRO C 233 -15.95 15.44 -11.35
C PRO C 233 -16.86 14.66 -10.38
N ALA C 234 -16.41 14.39 -9.16
CA ALA C 234 -17.27 13.80 -8.09
C ALA C 234 -18.17 14.91 -7.55
N GLY C 235 -17.82 16.18 -7.81
CA GLY C 235 -18.64 17.36 -7.47
C GLY C 235 -17.99 18.69 -7.85
N LYS C 236 -18.64 19.77 -7.42
CA LYS C 236 -18.22 21.17 -7.71
C LYS C 236 -17.03 21.55 -6.84
N TYR C 237 -16.19 22.42 -7.40
CA TYR C 237 -15.02 22.98 -6.69
C TYR C 237 -15.38 24.40 -6.24
N PRO C 238 -15.24 24.75 -4.94
CA PRO C 238 -14.91 23.81 -3.87
C PRO C 238 -16.15 23.09 -3.35
N PHE C 239 -16.00 22.00 -2.59
CA PHE C 239 -17.12 21.23 -2.02
C PHE C 239 -17.41 21.84 -0.64
N ILE C 240 -18.60 22.41 -0.42
CA ILE C 240 -18.92 23.08 0.87
C ILE C 240 -19.52 22.07 1.88
N VAL C 241 -18.95 22.02 3.07
CA VAL C 241 -19.47 21.22 4.21
C VAL C 241 -20.02 22.19 5.23
N THR C 242 -21.23 21.95 5.72
CA THR C 242 -21.73 22.60 6.92
C THR C 242 -21.17 21.85 8.13
N SER C 243 -20.36 22.51 8.95
CA SER C 243 -19.74 21.94 10.17
C SER C 243 -20.82 21.81 11.24
N ASP C 244 -20.59 21.08 12.33
CA ASP C 244 -21.62 20.97 13.41
C ASP C 244 -21.83 22.33 14.10
N ASP C 245 -20.89 23.28 14.00
CA ASP C 245 -21.01 24.62 14.64
C ASP C 245 -21.66 25.61 13.65
N GLY C 246 -22.01 25.18 12.44
CA GLY C 246 -22.83 25.98 11.50
C GLY C 246 -21.99 26.76 10.49
N ARG C 247 -20.71 26.46 10.38
CA ARG C 247 -19.78 27.15 9.46
C ARG C 247 -19.76 26.44 8.11
N LYS C 248 -19.59 27.20 7.04
CA LYS C 248 -19.37 26.63 5.70
C LYS C 248 -17.86 26.44 5.53
N VAL C 249 -17.41 25.22 5.28
CA VAL C 249 -15.97 24.88 5.19
C VAL C 249 -15.73 24.39 3.77
N PRO C 250 -14.94 25.13 2.96
CA PRO C 250 -14.54 24.62 1.66
C PRO C 250 -13.61 23.41 1.82
N VAL C 251 -13.89 22.38 1.03
CA VAL C 251 -13.07 21.13 0.91
C VAL C 251 -12.59 21.00 -0.53
N VAL C 252 -11.31 20.77 -0.74
CA VAL C 252 -10.77 20.74 -2.11
C VAL C 252 -9.77 19.58 -2.21
N GLN C 253 -9.69 19.07 -3.44
CA GLN C 253 -8.69 18.14 -3.95
C GLN C 253 -8.44 18.48 -5.43
N ALA C 254 -7.40 17.93 -6.05
CA ALA C 254 -6.91 18.29 -7.40
C ALA C 254 -6.49 17.02 -8.15
N TYR C 255 -7.30 15.96 -8.12
CA TYR C 255 -7.07 14.74 -8.91
C TYR C 255 -5.70 14.12 -8.55
N ALA C 256 -4.77 13.96 -9.49
CA ALA C 256 -3.47 13.27 -9.31
C ALA C 256 -2.52 13.54 -10.48
N PHE C 257 -1.25 13.15 -10.31
CA PHE C 257 -0.26 12.97 -11.41
C PHE C 257 0.16 14.32 -11.98
N GLY C 258 -0.07 15.42 -11.24
CA GLY C 258 0.41 16.77 -11.54
C GLY C 258 -0.24 17.32 -12.79
N LYS C 259 -1.42 16.82 -13.13
CA LYS C 259 -2.15 17.20 -14.35
C LYS C 259 -2.90 18.51 -14.12
N TYR C 260 -3.35 18.73 -12.90
CA TYR C 260 -4.07 19.96 -12.48
C TYR C 260 -3.32 20.66 -11.34
N LEU C 261 -3.38 22.01 -11.34
CA LEU C 261 -3.03 22.87 -10.17
C LEU C 261 -4.32 23.29 -9.50
N GLY C 262 -4.57 22.83 -8.29
CA GLY C 262 -5.73 23.34 -7.55
C GLY C 262 -5.57 24.83 -7.33
N TYR C 263 -6.65 25.58 -7.34
CA TYR C 263 -6.67 27.06 -7.27
C TYR C 263 -7.91 27.48 -6.49
N LEU C 264 -7.66 27.93 -5.28
CA LEU C 264 -8.80 28.35 -4.41
C LEU C 264 -8.53 29.75 -3.87
N LYS C 265 -9.48 30.65 -4.04
CA LYS C 265 -9.35 32.03 -3.55
C LYS C 265 -10.38 32.18 -2.45
N ILE C 266 -9.93 32.56 -1.26
CA ILE C 266 -10.78 32.75 -0.05
C ILE C 266 -10.79 34.24 0.31
N GLU C 267 -11.97 34.77 0.63
CA GLU C 267 -12.08 36.06 1.37
C GLU C 267 -12.38 35.70 2.82
N PHE C 268 -11.50 36.11 3.72
CA PHE C 268 -11.69 36.10 5.18
C PHE C 268 -12.10 37.51 5.68
N ASP C 269 -12.87 37.57 6.76
CA ASP C 269 -13.08 38.81 7.53
C ASP C 269 -11.89 38.96 8.50
N GLU C 270 -11.89 40.00 9.33
CA GLU C 270 -10.89 40.33 10.37
C GLU C 270 -10.70 39.22 11.38
N ARG C 271 -11.78 38.51 11.72
CA ARG C 271 -11.77 37.52 12.82
C ARG C 271 -11.46 36.11 12.27
N GLY C 272 -11.07 36.00 10.98
CA GLY C 272 -10.67 34.74 10.33
C GLY C 272 -11.81 33.92 9.75
N ASN C 273 -13.05 34.42 9.82
CA ASN C 273 -14.24 33.74 9.26
C ASN C 273 -14.12 33.76 7.73
N VAL C 274 -14.44 32.65 7.05
CA VAL C 274 -14.45 32.55 5.56
C VAL C 274 -15.70 33.25 5.06
N ILE C 275 -15.59 34.36 4.32
CA ILE C 275 -16.80 35.09 3.80
C ILE C 275 -17.19 34.46 2.46
N SER C 276 -16.22 34.16 1.60
CA SER C 276 -16.51 33.61 0.24
C SER C 276 -15.30 32.84 -0.26
N SER C 277 -15.51 31.95 -1.22
CA SER C 277 -14.49 31.02 -1.79
C SER C 277 -14.90 30.72 -3.24
N HIS C 278 -13.98 30.75 -4.17
CA HIS C 278 -14.28 30.36 -5.57
C HIS C 278 -12.96 29.86 -6.18
N GLY C 279 -13.05 29.00 -7.19
CA GLY C 279 -11.85 28.55 -7.90
C GLY C 279 -12.17 27.39 -8.80
N ASN C 280 -11.12 26.67 -9.17
CA ASN C 280 -11.18 25.54 -10.12
C ASN C 280 -9.76 25.04 -10.29
N PRO C 281 -9.58 23.70 -10.37
CA PRO C 281 -8.30 23.12 -10.74
C PRO C 281 -7.96 23.71 -12.13
N ILE C 282 -6.69 24.04 -12.35
CA ILE C 282 -6.19 24.60 -13.64
C ILE C 282 -5.58 23.43 -14.37
N LEU C 283 -6.09 23.13 -15.55
CA LEU C 283 -5.51 22.06 -16.37
C LEU C 283 -4.15 22.60 -16.86
N LEU C 284 -3.08 21.86 -16.65
CA LEU C 284 -1.71 22.27 -17.01
C LEU C 284 -1.40 21.65 -18.35
N ASN C 285 -1.92 22.20 -19.45
CA ASN C 285 -1.72 21.63 -20.81
C ASN C 285 -0.64 22.42 -21.57
N SER C 286 -0.40 22.05 -22.83
CA SER C 286 0.71 22.58 -23.67
C SER C 286 0.60 24.10 -23.88
N SER C 287 -0.56 24.69 -23.62
CA SER C 287 -0.79 26.15 -23.73
C SER C 287 -0.11 26.91 -22.58
N ILE C 288 0.43 26.23 -21.57
CA ILE C 288 1.37 26.85 -20.60
C ILE C 288 2.76 26.36 -20.98
N PRO C 289 3.74 27.24 -21.28
CA PRO C 289 5.10 26.78 -21.57
C PRO C 289 5.79 26.24 -20.28
N GLU C 290 6.60 25.21 -20.47
CA GLU C 290 7.60 24.74 -19.49
C GLU C 290 8.56 25.89 -19.17
N ASP C 291 8.80 26.17 -17.89
CA ASP C 291 9.82 27.18 -17.53
C ASP C 291 11.18 26.70 -18.03
N PRO C 292 11.97 27.50 -18.77
CA PRO C 292 13.21 27.00 -19.36
C PRO C 292 14.35 26.64 -18.37
N SER C 293 14.51 27.36 -17.26
CA SER C 293 15.44 27.01 -16.15
C SER C 293 15.07 25.65 -15.53
N ILE C 294 13.84 25.46 -15.00
CA ILE C 294 13.41 24.15 -14.42
C ILE C 294 13.61 23.04 -15.46
N LYS C 295 13.32 23.29 -16.74
CA LYS C 295 13.37 22.20 -17.75
C LYS C 295 14.82 21.75 -17.90
N ALA C 296 15.75 22.70 -18.02
CA ALA C 296 17.20 22.43 -18.18
C ALA C 296 17.67 21.64 -16.95
N ASP C 297 17.18 21.97 -15.75
CA ASP C 297 17.52 21.20 -14.51
C ASP C 297 16.96 19.75 -14.62
N ILE C 298 15.68 19.60 -15.01
CA ILE C 298 15.06 18.26 -15.25
C ILE C 298 15.91 17.43 -16.23
N ASN C 299 16.36 18.06 -17.32
CA ASN C 299 17.21 17.43 -18.35
C ASN C 299 18.49 16.92 -17.70
N LYS C 300 19.08 17.70 -16.80
CA LYS C 300 20.33 17.38 -16.04
C LYS C 300 20.10 16.07 -15.25
N TRP C 301 19.05 16.00 -14.42
CA TRP C 301 18.71 14.79 -13.65
C TRP C 301 18.33 13.63 -14.59
N ARG C 302 17.71 13.91 -15.74
CA ARG C 302 17.28 12.91 -16.76
C ARG C 302 18.47 12.10 -17.23
N ILE C 303 19.66 12.71 -17.36
CA ILE C 303 20.81 12.07 -18.04
C ILE C 303 21.14 10.76 -17.32
N LYS C 304 21.20 10.78 -16.00
CA LYS C 304 21.53 9.60 -15.15
C LYS C 304 20.37 8.60 -15.18
N LEU C 305 19.12 9.01 -15.47
CA LEU C 305 17.94 8.11 -15.53
C LEU C 305 17.83 7.40 -16.90
N ASP C 306 18.41 7.96 -17.98
CA ASP C 306 18.29 7.41 -19.36
C ASP C 306 19.03 6.07 -19.42
N ASN C 307 20.20 5.98 -18.78
CA ASN C 307 20.85 4.67 -18.51
C ASN C 307 19.72 3.72 -18.12
N TYR C 308 19.09 4.01 -16.97
CA TYR C 308 18.20 3.06 -16.25
C TYR C 308 16.97 2.72 -17.10
N SER C 309 16.34 3.69 -17.75
CA SER C 309 15.02 3.47 -18.39
C SER C 309 15.17 2.78 -19.76
N THR C 310 16.33 2.86 -20.42
CA THR C 310 16.59 2.20 -21.74
C THR C 310 17.50 0.98 -21.50
N GLN C 311 17.38 0.40 -20.31
CA GLN C 311 18.02 -0.86 -19.87
C GLN C 311 17.26 -2.03 -20.51
N GLU C 312 17.91 -2.86 -21.34
CA GLU C 312 17.27 -4.05 -21.96
C GLU C 312 16.98 -5.07 -20.86
N LEU C 313 15.70 -5.41 -20.66
CA LEU C 313 15.26 -6.42 -19.65
C LEU C 313 15.20 -7.82 -20.28
N GLY C 314 14.97 -7.86 -21.59
CA GLY C 314 14.82 -9.08 -22.42
C GLY C 314 14.55 -8.69 -23.85
N LYS C 315 14.20 -9.67 -24.68
CA LYS C 315 13.84 -9.51 -26.10
C LYS C 315 12.44 -10.10 -26.32
N THR C 316 11.67 -9.50 -27.23
CA THR C 316 10.53 -10.15 -27.90
C THR C 316 10.92 -10.28 -29.36
N ILE C 317 10.41 -11.30 -30.02
CA ILE C 317 10.54 -11.44 -31.50
C ILE C 317 9.15 -11.29 -32.12
N VAL C 318 8.13 -10.91 -31.32
CA VAL C 318 6.77 -10.60 -31.84
C VAL C 318 6.36 -9.17 -31.42
N TYR C 319 5.51 -8.54 -32.24
CA TYR C 319 4.75 -7.33 -31.86
C TYR C 319 3.88 -7.68 -30.65
N LEU C 320 4.16 -7.07 -29.51
CA LEU C 320 3.35 -7.17 -28.30
C LEU C 320 2.14 -6.21 -28.41
N ASP C 321 1.02 -6.76 -28.86
CA ASP C 321 -0.23 -6.02 -29.15
C ASP C 321 -1.01 -5.80 -27.83
N GLY C 322 -0.72 -4.67 -27.19
CA GLY C 322 -1.51 -4.09 -26.08
C GLY C 322 -2.28 -2.85 -26.52
N SER C 323 -2.64 -2.76 -27.80
CA SER C 323 -3.53 -1.69 -28.36
C SER C 323 -4.95 -1.98 -27.88
N SER C 324 -5.74 -0.93 -27.67
CA SER C 324 -7.10 -1.00 -27.06
C SER C 324 -8.05 -1.66 -28.06
N GLN C 325 -7.86 -1.46 -29.38
CA GLN C 325 -8.73 -2.04 -30.43
C GLN C 325 -8.63 -3.57 -30.44
N SER C 326 -7.50 -4.14 -30.03
CA SER C 326 -7.30 -5.61 -29.78
C SER C 326 -7.78 -6.01 -28.38
N CYS C 327 -7.21 -5.41 -27.33
CA CYS C 327 -7.31 -5.95 -25.94
C CYS C 327 -8.69 -5.70 -25.32
N ARG C 328 -9.56 -4.85 -25.92
CA ARG C 328 -10.93 -4.61 -25.39
C ARG C 328 -12.00 -5.39 -26.19
N PHE C 329 -11.59 -6.04 -27.28
CA PHE C 329 -12.45 -6.69 -28.32
C PHE C 329 -12.18 -8.18 -28.44
N ARG C 330 -10.92 -8.62 -28.35
CA ARG C 330 -10.54 -10.04 -28.59
C ARG C 330 -9.38 -10.47 -27.69
N GLU C 331 -8.95 -11.73 -27.84
CA GLU C 331 -7.70 -12.24 -27.22
C GLU C 331 -6.53 -11.49 -27.86
N CYS C 332 -5.65 -10.92 -27.02
CA CYS C 332 -4.42 -10.18 -27.41
C CYS C 332 -3.22 -10.82 -26.72
N ASN C 333 -2.08 -10.82 -27.41
CA ASN C 333 -0.88 -11.56 -26.99
C ASN C 333 -0.25 -10.83 -25.82
N MET C 334 -0.52 -9.53 -25.69
CA MET C 334 -0.06 -8.74 -24.53
C MET C 334 -0.80 -9.26 -23.30
N GLY C 335 -2.10 -9.51 -23.43
CA GLY C 335 -2.92 -10.00 -22.31
C GLY C 335 -2.41 -11.34 -21.88
N ASN C 336 -2.17 -12.22 -22.87
CA ASN C 336 -1.69 -13.62 -22.66
C ASN C 336 -0.35 -13.55 -21.93
N LEU C 337 0.57 -12.69 -22.41
CA LEU C 337 1.90 -12.52 -21.78
C LEU C 337 1.79 -12.07 -20.32
N ILE C 338 0.92 -11.10 -20.00
CA ILE C 338 0.80 -10.55 -18.62
C ILE C 338 0.23 -11.64 -17.68
N CYS C 339 -0.81 -12.36 -18.12
CA CYS C 339 -1.45 -13.46 -17.33
C CYS C 339 -0.47 -14.62 -17.16
N ASP C 340 0.29 -14.96 -18.19
CA ASP C 340 1.28 -16.06 -18.08
C ASP C 340 2.37 -15.63 -17.08
N ALA C 341 2.80 -14.36 -17.13
CA ALA C 341 3.70 -13.76 -16.10
C ALA C 341 3.11 -13.93 -14.68
N MET C 342 1.82 -13.63 -14.51
CA MET C 342 1.10 -13.58 -13.22
C MET C 342 1.13 -14.97 -12.58
N ILE C 343 0.77 -16.00 -13.36
CA ILE C 343 0.79 -17.42 -12.95
C ILE C 343 2.24 -17.87 -12.69
N ASN C 344 3.22 -17.45 -13.50
CA ASN C 344 4.64 -17.90 -13.35
C ASN C 344 5.18 -17.47 -11.97
N ASN C 345 4.76 -16.27 -11.52
CA ASN C 345 5.22 -15.57 -10.29
C ASN C 345 4.73 -16.30 -9.01
N ASN C 346 3.56 -16.96 -9.05
CA ASN C 346 2.84 -17.42 -7.83
C ASN C 346 2.99 -18.94 -7.69
N LEU C 347 4.25 -19.41 -7.60
CA LEU C 347 4.59 -20.86 -7.68
C LEU C 347 4.75 -21.44 -6.27
N ARG C 348 3.76 -22.23 -5.81
CA ARG C 348 3.81 -23.05 -4.57
C ARG C 348 3.21 -24.43 -4.87
N HIS C 349 4.01 -25.50 -4.73
CA HIS C 349 3.61 -26.91 -4.96
C HIS C 349 3.24 -27.55 -3.62
N ALA C 350 2.35 -28.57 -3.62
CA ALA C 350 2.04 -29.50 -2.51
C ALA C 350 1.72 -30.88 -3.07
N ASP C 351 2.41 -31.92 -2.60
CA ASP C 351 2.56 -33.21 -3.32
C ASP C 351 1.20 -33.77 -3.75
N GLU C 352 0.25 -34.00 -2.81
CA GLU C 352 -0.99 -34.78 -3.05
C GLU C 352 -2.23 -33.85 -3.02
N MET C 353 -2.02 -32.52 -3.00
CA MET C 353 -3.09 -31.51 -2.81
C MET C 353 -3.28 -30.67 -4.09
N PHE C 354 -2.22 -30.43 -4.88
CA PHE C 354 -2.26 -29.59 -6.10
C PHE C 354 -0.86 -29.43 -6.72
N TRP C 355 -0.82 -29.39 -8.07
CA TRP C 355 0.39 -28.99 -8.83
C TRP C 355 0.77 -27.55 -8.43
N ASN C 356 -0.20 -26.63 -8.41
CA ASN C 356 0.00 -25.21 -8.02
C ASN C 356 -1.24 -24.73 -7.25
N HIS C 357 -1.04 -23.88 -6.24
CA HIS C 357 -2.15 -23.19 -5.52
C HIS C 357 -3.09 -22.53 -6.55
N VAL C 358 -2.55 -22.00 -7.69
CA VAL C 358 -3.26 -21.13 -8.69
C VAL C 358 -2.96 -21.62 -10.12
N SER C 359 -4.02 -21.76 -10.93
CA SER C 359 -3.92 -22.09 -12.38
C SER C 359 -4.54 -21.00 -13.27
N MET C 360 -5.15 -19.98 -12.69
CA MET C 360 -6.20 -19.15 -13.35
C MET C 360 -5.91 -17.67 -13.11
N CYS C 361 -6.07 -16.87 -14.17
CA CYS C 361 -5.71 -15.45 -14.26
C CYS C 361 -6.74 -14.70 -15.13
N ILE C 362 -7.25 -13.57 -14.61
CA ILE C 362 -8.02 -12.58 -15.43
C ILE C 362 -7.44 -11.20 -15.22
N LEU C 363 -7.63 -10.36 -16.23
CA LEU C 363 -7.04 -9.00 -16.37
C LEU C 363 -7.98 -8.18 -17.30
N ASN C 364 -8.42 -7.00 -16.88
CA ASN C 364 -9.29 -6.11 -17.71
C ASN C 364 -8.44 -5.46 -18.83
N GLY C 365 -8.95 -5.53 -20.07
CA GLY C 365 -8.31 -4.96 -21.29
C GLY C 365 -7.91 -3.52 -21.11
N GLY C 366 -8.75 -2.75 -20.40
CA GLY C 366 -8.52 -1.35 -20.04
C GLY C 366 -7.22 -1.11 -19.30
N GLY C 367 -6.78 -2.05 -18.43
CA GLY C 367 -5.51 -1.96 -17.65
C GLY C 367 -4.24 -1.94 -18.53
N ILE C 368 -4.33 -2.47 -19.76
CA ILE C 368 -3.17 -2.60 -20.70
C ILE C 368 -3.13 -1.33 -21.53
N ARG C 369 -2.13 -0.48 -21.30
CA ARG C 369 -2.20 0.95 -21.71
C ARG C 369 -1.38 1.21 -22.98
N SER C 370 -0.69 0.22 -23.54
CA SER C 370 0.19 0.43 -24.73
C SER C 370 0.60 -0.90 -25.36
N PRO C 371 0.87 -0.90 -26.68
CA PRO C 371 1.63 -1.96 -27.31
C PRO C 371 3.14 -1.79 -27.04
N ILE C 372 3.95 -2.77 -27.44
CA ILE C 372 5.42 -2.63 -27.60
C ILE C 372 5.78 -3.18 -28.98
N ASP C 373 6.56 -2.41 -29.73
CA ASP C 373 7.08 -2.73 -31.07
C ASP C 373 8.33 -3.61 -30.84
N GLU C 374 8.55 -4.62 -31.71
CA GLU C 374 9.67 -5.60 -31.61
C GLU C 374 10.85 -5.19 -32.50
N ARG C 375 10.68 -4.20 -33.38
CA ARG C 375 11.67 -3.79 -34.43
C ARG C 375 12.92 -3.11 -33.84
N ASN C 376 12.92 -2.65 -32.58
CA ASN C 376 14.10 -1.99 -31.94
C ASN C 376 15.13 -3.09 -31.56
N ASN C 377 15.57 -3.86 -32.56
CA ASN C 377 16.41 -5.08 -32.43
C ASN C 377 15.80 -6.06 -31.40
N GLY C 378 14.47 -6.03 -31.22
CA GLY C 378 13.75 -6.91 -30.27
C GLY C 378 13.79 -6.42 -28.83
N THR C 379 14.42 -5.29 -28.54
CA THR C 379 14.65 -4.82 -27.16
C THR C 379 13.32 -4.44 -26.51
N ILE C 380 13.15 -4.90 -25.28
CA ILE C 380 12.15 -4.43 -24.29
C ILE C 380 12.93 -3.70 -23.20
N THR C 381 12.63 -2.42 -22.99
CA THR C 381 13.18 -1.58 -21.91
C THR C 381 12.13 -1.43 -20.80
N TRP C 382 12.58 -0.92 -19.64
CA TRP C 382 11.72 -0.46 -18.53
C TRP C 382 10.72 0.59 -19.02
N GLU C 383 11.19 1.61 -19.75
CA GLU C 383 10.36 2.68 -20.37
C GLU C 383 9.24 2.02 -21.19
N ASN C 384 9.59 1.20 -22.20
CA ASN C 384 8.65 0.45 -23.06
C ASN C 384 7.54 -0.19 -22.20
N LEU C 385 7.96 -0.84 -21.10
CA LEU C 385 7.12 -1.64 -20.18
C LEU C 385 6.27 -0.71 -19.28
N ALA C 386 6.88 0.34 -18.70
CA ALA C 386 6.22 1.44 -17.96
C ALA C 386 4.98 1.94 -18.73
N ALA C 387 5.09 2.07 -20.06
CA ALA C 387 4.04 2.56 -20.99
C ALA C 387 2.85 1.57 -21.04
N VAL C 388 3.09 0.26 -20.89
CA VAL C 388 1.99 -0.74 -20.84
C VAL C 388 1.30 -0.64 -19.46
N LEU C 389 2.09 -0.42 -18.39
CA LEU C 389 1.65 -0.56 -16.97
C LEU C 389 2.12 0.66 -16.16
N PRO C 390 1.51 1.83 -16.37
CA PRO C 390 1.99 3.06 -15.72
C PRO C 390 1.56 3.32 -14.27
N PHE C 391 0.77 2.46 -13.63
CA PHE C 391 -0.08 2.88 -12.48
C PHE C 391 0.16 2.09 -11.20
N GLY C 392 1.13 1.17 -11.19
CA GLY C 392 1.54 0.43 -9.96
C GLY C 392 0.40 -0.33 -9.27
N GLY C 393 -0.56 -0.87 -10.01
CA GLY C 393 -1.45 -1.90 -9.42
C GLY C 393 -0.64 -3.12 -8.99
N THR C 394 -1.15 -3.90 -8.03
CA THR C 394 -0.61 -5.23 -7.64
C THR C 394 -1.47 -6.34 -8.28
N PHE C 395 -0.90 -7.52 -8.52
CA PHE C 395 -1.65 -8.75 -8.95
C PHE C 395 -1.93 -9.60 -7.70
N ASP C 396 -3.20 -9.69 -7.33
CA ASP C 396 -3.69 -10.27 -6.08
C ASP C 396 -4.26 -11.65 -6.33
N LEU C 397 -4.40 -12.39 -5.24
CA LEU C 397 -4.87 -13.78 -5.19
C LEU C 397 -6.23 -13.75 -4.51
N VAL C 398 -7.27 -14.19 -5.20
CA VAL C 398 -8.66 -14.25 -4.64
C VAL C 398 -9.23 -15.67 -4.80
N GLN C 399 -10.15 -16.03 -3.89
CA GLN C 399 -11.02 -17.22 -3.98
C GLN C 399 -12.43 -16.76 -4.36
N LEU C 400 -13.00 -17.33 -5.42
CA LEU C 400 -14.33 -17.00 -6.00
C LEU C 400 -15.07 -18.30 -6.24
N LYS C 401 -16.39 -18.31 -5.98
CA LYS C 401 -17.28 -19.39 -6.46
C LYS C 401 -17.38 -19.32 -7.98
N GLY C 402 -17.44 -20.49 -8.62
CA GLY C 402 -17.65 -20.62 -10.07
C GLY C 402 -18.67 -19.63 -10.60
N SER C 403 -19.84 -19.58 -9.95
CA SER C 403 -21.00 -18.71 -10.28
C SER C 403 -20.57 -17.23 -10.30
N THR C 404 -19.74 -16.80 -9.33
CA THR C 404 -19.15 -15.43 -9.30
C THR C 404 -18.29 -15.16 -10.54
N LEU C 405 -17.46 -16.13 -10.96
CA LEU C 405 -16.58 -16.04 -12.16
C LEU C 405 -17.44 -16.06 -13.44
N LYS C 406 -18.49 -16.89 -13.46
CA LYS C 406 -19.54 -16.88 -14.52
C LYS C 406 -20.05 -15.45 -14.68
N LYS C 407 -20.45 -14.81 -13.58
CA LYS C 407 -21.01 -13.43 -13.59
C LYS C 407 -19.94 -12.43 -14.07
N ALA C 408 -18.68 -12.62 -13.71
CA ALA C 408 -17.58 -11.74 -14.14
C ALA C 408 -17.44 -11.82 -15.66
N PHE C 409 -17.57 -13.02 -16.23
CA PHE C 409 -17.41 -13.26 -17.69
C PHE C 409 -18.61 -12.73 -18.46
N GLU C 410 -19.79 -12.69 -17.84
CA GLU C 410 -21.03 -12.07 -18.39
C GLU C 410 -20.85 -10.54 -18.52
N HIS C 411 -20.22 -9.92 -17.51
CA HIS C 411 -19.94 -8.47 -17.38
C HIS C 411 -18.90 -8.06 -18.42
N SER C 412 -17.86 -8.87 -18.56
CA SER C 412 -16.82 -8.81 -19.62
C SER C 412 -17.42 -8.44 -21.00
N VAL C 413 -18.64 -8.89 -21.35
CA VAL C 413 -19.24 -8.72 -22.72
C VAL C 413 -20.66 -8.13 -22.67
N HIS C 414 -21.18 -7.71 -21.52
CA HIS C 414 -22.59 -7.27 -21.40
C HIS C 414 -22.88 -6.08 -22.32
N ARG C 415 -21.89 -5.29 -22.72
CA ARG C 415 -22.05 -4.19 -23.71
C ARG C 415 -20.83 -4.20 -24.64
N TYR C 416 -20.55 -5.40 -25.16
CA TYR C 416 -19.46 -5.67 -26.13
C TYR C 416 -19.63 -4.77 -27.36
N GLY C 417 -18.51 -4.34 -27.95
CA GLY C 417 -18.48 -3.51 -29.17
C GLY C 417 -18.16 -2.05 -28.86
N GLN C 418 -18.17 -1.61 -27.60
CA GLN C 418 -18.16 -0.15 -27.30
C GLN C 418 -16.83 0.29 -26.68
N SER C 419 -15.75 -0.50 -26.83
CA SER C 419 -14.35 -0.13 -26.47
C SER C 419 -14.21 0.19 -24.95
N THR C 420 -15.02 -0.47 -24.11
CA THR C 420 -14.95 -0.36 -22.62
C THR C 420 -13.86 -1.30 -22.09
N GLY C 421 -13.34 -1.05 -20.89
CA GLY C 421 -12.11 -1.67 -20.37
C GLY C 421 -12.32 -2.98 -19.64
N GLU C 422 -13.57 -3.37 -19.36
CA GLU C 422 -13.96 -4.53 -18.50
C GLU C 422 -13.76 -5.86 -19.24
N PHE C 423 -13.50 -5.83 -20.55
CA PHE C 423 -13.32 -7.07 -21.36
C PHE C 423 -12.05 -7.82 -20.88
N LEU C 424 -12.23 -9.07 -20.48
CA LEU C 424 -11.20 -9.83 -19.74
C LEU C 424 -10.26 -10.56 -20.71
N GLN C 425 -8.95 -10.34 -20.58
CA GLN C 425 -7.90 -11.31 -21.00
C GLN C 425 -7.63 -12.34 -19.87
N VAL C 426 -7.16 -13.53 -20.25
CA VAL C 426 -7.17 -14.73 -19.35
C VAL C 426 -5.90 -15.56 -19.53
N GLY C 427 -5.56 -16.29 -18.45
CA GLY C 427 -4.70 -17.50 -18.47
C GLY C 427 -5.38 -18.63 -17.71
N GLY C 428 -5.22 -19.88 -18.15
CA GLY C 428 -5.79 -21.09 -17.50
C GLY C 428 -7.30 -21.16 -17.57
N ILE C 429 -7.87 -20.47 -18.58
CA ILE C 429 -9.34 -20.33 -18.86
C ILE C 429 -9.52 -20.30 -20.38
N HIS C 430 -10.42 -21.15 -20.89
CA HIS C 430 -10.97 -21.12 -22.26
C HIS C 430 -12.43 -20.71 -22.12
N VAL C 431 -12.81 -19.61 -22.76
CA VAL C 431 -14.19 -19.10 -22.70
C VAL C 431 -14.68 -18.97 -24.16
N VAL C 432 -15.97 -19.23 -24.33
CA VAL C 432 -16.66 -18.98 -25.63
C VAL C 432 -17.86 -18.09 -25.32
N TYR C 433 -17.99 -17.02 -26.09
CA TYR C 433 -19.12 -16.07 -25.99
C TYR C 433 -20.01 -16.26 -27.22
N ASP C 434 -21.34 -16.29 -27.02
CA ASP C 434 -22.33 -16.07 -28.10
C ASP C 434 -22.95 -14.69 -27.92
N LEU C 435 -22.48 -13.75 -28.74
CA LEU C 435 -22.83 -12.31 -28.67
C LEU C 435 -24.26 -12.09 -29.15
N SER C 436 -24.87 -13.05 -29.85
CA SER C 436 -26.29 -12.97 -30.28
C SER C 436 -27.22 -13.42 -29.16
N ARG C 437 -26.71 -13.76 -27.97
CA ARG C 437 -27.58 -13.99 -26.78
C ARG C 437 -27.75 -12.68 -26.00
N LYS C 438 -28.66 -12.65 -25.03
CA LYS C 438 -28.97 -11.47 -24.20
C LYS C 438 -27.90 -11.30 -23.12
N PRO C 439 -27.57 -10.05 -22.70
CA PRO C 439 -26.56 -9.83 -21.66
C PRO C 439 -26.88 -10.62 -20.38
N GLY C 440 -25.87 -11.22 -19.75
CA GLY C 440 -26.02 -12.12 -18.59
C GLY C 440 -26.10 -13.58 -19.02
N ASP C 441 -26.20 -13.84 -20.33
CA ASP C 441 -26.40 -15.20 -20.87
C ASP C 441 -25.57 -15.44 -22.16
N ARG C 442 -24.42 -14.77 -22.32
CA ARG C 442 -23.57 -14.85 -23.54
C ARG C 442 -22.40 -15.83 -23.35
N VAL C 443 -22.12 -16.29 -22.12
CA VAL C 443 -21.04 -17.29 -21.85
C VAL C 443 -21.61 -18.69 -22.12
N VAL C 444 -21.28 -19.27 -23.29
CA VAL C 444 -21.79 -20.59 -23.75
C VAL C 444 -20.77 -21.71 -23.43
N LYS C 445 -19.50 -21.37 -23.17
CA LYS C 445 -18.45 -22.32 -22.71
C LYS C 445 -17.48 -21.58 -21.78
N LEU C 446 -17.32 -22.11 -20.56
CA LEU C 446 -16.27 -21.71 -19.57
C LEU C 446 -15.55 -22.95 -19.02
N ASP C 447 -14.34 -23.21 -19.55
CA ASP C 447 -13.39 -24.28 -19.15
C ASP C 447 -12.18 -23.69 -18.42
N VAL C 448 -11.80 -24.29 -17.29
CA VAL C 448 -10.70 -23.84 -16.38
C VAL C 448 -9.67 -24.97 -16.21
N LEU C 449 -8.39 -24.59 -16.12
CA LEU C 449 -7.23 -25.49 -15.85
C LEU C 449 -7.34 -26.02 -14.41
N CYS C 450 -7.56 -27.31 -14.19
CA CYS C 450 -7.65 -27.93 -12.85
C CYS C 450 -6.40 -27.61 -12.01
N THR C 451 -6.52 -27.70 -10.68
CA THR C 451 -5.37 -27.67 -9.74
C THR C 451 -5.25 -29.00 -8.98
N LYS C 452 -6.38 -29.65 -8.64
CA LYS C 452 -6.48 -30.92 -7.86
C LYS C 452 -6.27 -32.12 -8.82
N CYS C 453 -5.13 -32.12 -9.52
CA CYS C 453 -4.73 -33.06 -10.59
C CYS C 453 -3.20 -33.00 -10.70
N ARG C 454 -2.55 -34.09 -11.15
CA ARG C 454 -1.08 -34.09 -11.28
C ARG C 454 -0.72 -33.52 -12.69
N VAL C 455 -1.55 -33.86 -13.70
CA VAL C 455 -1.43 -33.37 -15.11
C VAL C 455 -2.46 -32.27 -15.33
N PRO C 456 -2.03 -31.00 -15.48
CA PRO C 456 -2.95 -29.90 -15.78
C PRO C 456 -3.67 -30.05 -17.15
N SER C 457 -5.01 -30.08 -17.05
CA SER C 457 -5.99 -30.23 -18.17
C SER C 457 -7.23 -29.40 -17.84
N TYR C 458 -8.04 -29.16 -18.89
CA TYR C 458 -9.18 -28.21 -18.87
C TYR C 458 -10.46 -28.97 -18.59
N ASP C 459 -11.24 -28.43 -17.65
CA ASP C 459 -12.57 -28.95 -17.23
C ASP C 459 -13.57 -27.80 -17.24
N PRO C 460 -14.87 -28.08 -17.53
CA PRO C 460 -15.94 -27.08 -17.37
C PRO C 460 -16.07 -26.53 -15.94
N LEU C 461 -16.02 -25.20 -15.80
CA LEU C 461 -16.30 -24.48 -14.53
C LEU C 461 -17.52 -25.10 -13.82
N LYS C 462 -17.47 -25.20 -12.49
CA LYS C 462 -18.62 -25.67 -11.64
C LYS C 462 -19.06 -24.51 -10.72
N MET C 463 -20.36 -24.25 -10.68
CA MET C 463 -20.94 -23.03 -10.07
C MET C 463 -20.73 -23.05 -8.56
N ASP C 464 -20.74 -24.25 -7.95
CA ASP C 464 -20.75 -24.43 -6.47
C ASP C 464 -19.35 -24.81 -5.97
N GLU C 465 -18.36 -24.84 -6.87
CA GLU C 465 -16.92 -25.06 -6.56
C GLU C 465 -16.23 -23.71 -6.35
N VAL C 466 -15.16 -23.69 -5.54
CA VAL C 466 -14.31 -22.52 -5.17
C VAL C 466 -13.01 -22.61 -5.98
N TYR C 467 -12.60 -21.49 -6.60
CA TYR C 467 -11.36 -21.38 -7.40
C TYR C 467 -10.47 -20.25 -6.85
N LYS C 468 -9.14 -20.41 -6.97
CA LYS C 468 -8.14 -19.33 -6.76
C LYS C 468 -7.84 -18.61 -8.09
N VAL C 469 -7.91 -17.29 -8.11
CA VAL C 469 -7.64 -16.47 -9.33
C VAL C 469 -6.63 -15.38 -8.97
N ILE C 470 -5.69 -15.09 -9.88
CA ILE C 470 -4.88 -13.84 -9.84
C ILE C 470 -5.55 -12.85 -10.78
N LEU C 471 -5.78 -11.64 -10.27
CA LEU C 471 -6.38 -10.50 -11.00
C LEU C 471 -5.85 -9.21 -10.39
N PRO C 472 -5.90 -8.08 -11.12
CA PRO C 472 -5.50 -6.79 -10.56
C PRO C 472 -6.34 -6.43 -9.33
N ASN C 473 -5.67 -5.83 -8.34
CA ASN C 473 -6.26 -5.11 -7.19
C ASN C 473 -7.51 -4.35 -7.64
N PHE C 474 -7.43 -3.69 -8.80
CA PHE C 474 -8.53 -2.90 -9.38
C PHE C 474 -9.81 -3.76 -9.46
N LEU C 475 -9.74 -4.94 -10.07
CA LEU C 475 -10.90 -5.88 -10.16
C LEU C 475 -11.30 -6.33 -8.76
N ALA C 476 -10.33 -6.58 -7.88
CA ALA C 476 -10.61 -7.03 -6.49
C ALA C 476 -11.49 -6.00 -5.79
N ASN C 477 -11.36 -4.71 -6.12
CA ASN C 477 -12.06 -3.61 -5.41
C ASN C 477 -13.29 -3.16 -6.22
N GLY C 478 -13.61 -3.87 -7.30
CA GLY C 478 -14.85 -3.71 -8.09
C GLY C 478 -14.74 -2.66 -9.19
N GLY C 479 -13.51 -2.29 -9.58
CA GLY C 479 -13.29 -1.36 -10.71
C GLY C 479 -13.94 -1.86 -11.99
N ASP C 480 -14.14 -1.00 -12.99
CA ASP C 480 -14.79 -1.31 -14.29
C ASP C 480 -16.07 -2.14 -14.04
N GLY C 481 -16.75 -1.92 -12.92
CA GLY C 481 -18.10 -2.45 -12.67
C GLY C 481 -18.12 -3.90 -12.19
N PHE C 482 -16.98 -4.47 -11.80
CA PHE C 482 -16.93 -5.88 -11.31
C PHE C 482 -17.34 -5.94 -9.82
N GLN C 483 -18.51 -5.43 -9.45
CA GLN C 483 -18.96 -5.44 -8.03
C GLN C 483 -19.11 -6.89 -7.56
N MET C 484 -19.51 -7.80 -8.47
CA MET C 484 -19.82 -9.20 -8.09
C MET C 484 -18.55 -9.80 -7.47
N ILE C 485 -17.37 -9.44 -8.01
CA ILE C 485 -16.06 -9.89 -7.46
C ILE C 485 -15.89 -9.32 -6.04
N LYS C 486 -15.92 -7.99 -5.89
CA LYS C 486 -15.67 -7.30 -4.60
C LYS C 486 -16.65 -7.79 -3.53
N ASP C 487 -17.88 -8.12 -3.92
CA ASP C 487 -19.00 -8.38 -2.98
C ASP C 487 -19.07 -9.87 -2.62
N GLU C 488 -18.59 -10.76 -3.49
CA GLU C 488 -18.85 -12.22 -3.42
C GLU C 488 -17.57 -13.01 -3.07
N LEU C 489 -16.37 -12.45 -3.19
CA LEU C 489 -15.12 -13.25 -2.99
C LEU C 489 -15.09 -13.75 -1.52
N LEU C 490 -14.22 -14.72 -1.22
CA LEU C 490 -14.19 -15.42 0.09
C LEU C 490 -12.85 -15.20 0.80
N ARG C 491 -11.76 -15.13 0.05
CA ARG C 491 -10.43 -14.64 0.53
C ARG C 491 -9.90 -13.60 -0.48
N HIS C 492 -9.11 -12.66 0.03
CA HIS C 492 -8.25 -11.76 -0.78
C HIS C 492 -6.89 -11.73 -0.10
N ASP C 493 -5.84 -12.01 -0.88
CA ASP C 493 -4.42 -11.90 -0.47
C ASP C 493 -3.76 -11.00 -1.50
N SER C 494 -3.05 -9.96 -1.05
CA SER C 494 -2.43 -8.89 -1.87
C SER C 494 -1.08 -9.37 -2.40
N GLY C 495 -0.80 -9.20 -3.70
CA GLY C 495 0.41 -9.76 -4.34
C GLY C 495 1.41 -8.70 -4.73
N ASP C 496 2.18 -8.93 -5.78
CA ASP C 496 3.36 -8.13 -6.17
C ASP C 496 2.97 -7.07 -7.19
N GLN C 497 3.77 -6.02 -7.33
CA GLN C 497 3.49 -4.91 -8.28
C GLN C 497 3.52 -5.44 -9.70
N ASP C 498 2.45 -5.16 -10.44
CA ASP C 498 2.23 -5.50 -11.86
C ASP C 498 3.54 -5.47 -12.64
N ILE C 499 4.22 -4.32 -12.69
CA ILE C 499 5.37 -4.12 -13.63
C ILE C 499 6.53 -5.04 -13.20
N ASN C 500 6.75 -5.19 -11.89
CA ASN C 500 7.83 -6.04 -11.33
C ASN C 500 7.63 -7.48 -11.84
N VAL C 501 6.42 -8.02 -11.63
CA VAL C 501 6.03 -9.37 -12.12
C VAL C 501 6.32 -9.48 -13.62
N VAL C 502 5.89 -8.53 -14.43
CA VAL C 502 6.02 -8.70 -15.90
C VAL C 502 7.51 -8.62 -16.24
N SER C 503 8.23 -7.78 -15.51
CA SER C 503 9.67 -7.53 -15.73
C SER C 503 10.49 -8.79 -15.43
N THR C 504 10.26 -9.44 -14.29
CA THR C 504 11.13 -10.57 -13.92
C THR C 504 10.84 -11.65 -14.98
N TYR C 505 9.57 -11.92 -15.28
CA TYR C 505 9.20 -12.94 -16.31
C TYR C 505 10.05 -12.71 -17.57
N ILE C 506 10.01 -11.50 -18.14
CA ILE C 506 10.75 -11.21 -19.41
C ILE C 506 12.25 -11.51 -19.19
N SER C 507 12.83 -11.17 -18.04
CA SER C 507 14.28 -11.30 -17.80
C SER C 507 14.66 -12.78 -17.62
N LYS C 508 13.78 -13.58 -17.00
CA LYS C 508 13.96 -15.06 -16.82
C LYS C 508 13.82 -15.82 -18.15
N MET C 509 12.89 -15.42 -19.02
CA MET C 509 12.62 -16.06 -20.33
C MET C 509 13.60 -15.57 -21.39
N LYS C 510 14.19 -14.38 -21.20
CA LYS C 510 15.24 -13.78 -22.05
C LYS C 510 14.69 -13.42 -23.44
N VAL C 511 13.88 -14.30 -24.04
CA VAL C 511 13.23 -14.10 -25.37
C VAL C 511 11.77 -14.58 -25.29
N ILE C 512 10.79 -13.69 -25.45
CA ILE C 512 9.34 -14.07 -25.45
C ILE C 512 8.80 -14.04 -26.89
N TYR C 513 7.68 -14.76 -27.11
CA TYR C 513 6.96 -14.82 -28.40
C TYR C 513 5.50 -15.22 -28.17
N PRO C 514 4.75 -14.52 -27.28
CA PRO C 514 3.38 -14.90 -26.97
C PRO C 514 2.51 -14.85 -28.24
N ALA C 515 1.62 -15.82 -28.38
CA ALA C 515 0.71 -15.97 -29.52
C ALA C 515 -0.71 -15.77 -29.02
N VAL C 516 -1.61 -15.50 -29.99
CA VAL C 516 -3.09 -15.58 -29.84
C VAL C 516 -3.44 -17.02 -30.22
N GLU C 517 -4.05 -17.77 -29.31
CA GLU C 517 -4.08 -19.25 -29.41
C GLU C 517 -5.48 -19.84 -29.12
N GLY C 518 -6.50 -19.02 -28.91
CA GLY C 518 -7.90 -19.46 -28.80
C GLY C 518 -8.35 -19.61 -27.35
N ARG C 519 -7.75 -18.86 -26.39
CA ARG C 519 -8.25 -18.79 -24.98
C ARG C 519 -9.64 -18.12 -24.96
N ILE C 520 -9.89 -17.25 -25.95
CA ILE C 520 -11.20 -16.53 -26.10
C ILE C 520 -11.68 -16.68 -27.54
N LYS C 521 -12.89 -17.23 -27.65
CA LYS C 521 -13.59 -17.43 -28.94
C LYS C 521 -15.02 -16.89 -28.89
N PHE C 522 -15.54 -16.64 -30.10
CA PHE C 522 -16.92 -16.19 -30.41
C PHE C 522 -17.57 -17.21 -31.33
N SER C 523 -18.81 -17.61 -31.04
CA SER C 523 -19.77 -18.19 -32.01
C SER C 523 -20.08 -17.20 -33.15
C1 NAG D . -5.73 23.90 -22.66
C2 NAG D . -6.07 23.91 -24.14
C3 NAG D . -6.89 25.11 -24.50
C4 NAG D . -8.07 25.27 -23.54
C5 NAG D . -7.62 25.21 -22.08
C6 NAG D . -8.81 25.25 -21.13
C7 NAG D . -4.48 22.95 -25.72
C8 NAG D . -3.13 23.11 -26.36
N2 NAG D . -4.82 23.92 -24.88
O3 NAG D . -7.45 24.84 -25.78
O4 NAG D . -8.76 26.49 -23.81
O5 NAG D . -6.92 23.99 -21.86
O6 NAG D . -9.67 24.14 -21.40
O7 NAG D . -5.19 21.99 -25.96
C1 NAG D . -10.11 26.22 -24.24
C2 NAG D . -11.01 27.44 -24.05
C3 NAG D . -12.40 27.21 -24.61
C4 NAG D . -12.44 26.41 -25.92
C5 NAG D . -11.43 25.25 -25.93
C6 NAG D . -11.34 24.54 -27.28
C7 NAG D . -10.84 28.85 -22.02
C8 NAG D . -11.09 28.85 -20.54
N2 NAG D . -11.13 27.70 -22.62
O3 NAG D . -13.04 28.47 -24.85
O4 NAG D . -13.77 25.91 -26.07
O5 NAG D . -10.15 25.76 -25.58
O6 NAG D . -10.84 25.45 -28.27
O7 NAG D . -10.40 29.82 -22.61
C1 MAN D . -14.73 26.65 -26.64
C2 MAN D . -15.74 25.72 -27.32
C3 MAN D . -15.81 25.89 -28.85
C4 MAN D . -15.64 27.35 -29.28
C5 MAN D . -14.39 27.91 -28.63
C6 MAN D . -13.98 29.29 -29.17
O2 MAN D . -17.02 25.90 -26.72
O3 MAN D . -17.08 25.43 -29.33
O4 MAN D . -15.55 27.44 -30.71
O5 MAN D . -14.67 27.96 -27.23
O6 MAN D . -15.14 30.01 -29.61
C1 MAN D . -17.92 24.86 -30.18
C2 MAN D . -19.30 25.41 -30.57
C3 MAN D . -20.50 24.77 -29.82
C4 MAN D . -20.21 23.44 -29.09
C5 MAN D . -18.75 23.27 -28.67
C6 MAN D . -18.51 21.89 -28.09
O2 MAN D . -19.45 25.31 -31.99
O3 MAN D . -21.59 24.55 -30.73
O4 MAN D . -21.02 23.35 -27.91
O5 MAN D . -17.94 23.47 -29.82
O6 MAN D . -18.40 22.00 -26.66
C1 MAN D . -16.18 30.77 -29.98
C2 MAN D . -15.86 32.14 -29.38
C3 MAN D . -16.68 32.37 -28.11
C4 MAN D . -18.16 32.12 -28.34
C5 MAN D . -18.39 30.77 -29.05
C6 MAN D . -19.86 30.56 -29.38
O2 MAN D . -16.09 33.17 -30.36
O3 MAN D . -16.46 33.71 -27.62
O4 MAN D . -18.85 32.12 -27.09
O5 MAN D . -17.59 30.69 -30.24
O6 MAN D . -20.58 30.33 -28.16
ZN ZN E . -2.33 7.80 -0.80
ZN ZN F . -1.75 8.52 -4.17
P PO4 G . -2.85 5.74 -2.95
O1 PO4 G . -4.06 4.84 -2.73
O2 PO4 G . -2.01 5.21 -4.10
O3 PO4 G . -2.01 5.80 -1.71
O4 PO4 G . -3.33 7.17 -3.27
P PO4 H . 18.17 21.05 -2.77
O1 PO4 H . 17.26 19.92 -2.22
O2 PO4 H . 18.82 20.58 -4.05
O3 PO4 H . 19.25 21.34 -1.76
O4 PO4 H . 17.34 22.31 -3.04
P PO4 I . -9.89 4.88 -20.87
O1 PO4 I . -9.37 3.85 -19.87
O2 PO4 I . -11.26 4.43 -21.39
O3 PO4 I . -8.91 5.01 -22.05
O4 PO4 I . -10.02 6.23 -20.18
O1 PG4 J . -21.63 14.74 -10.45
C1 PG4 J . -22.49 15.80 -10.02
C2 PG4 J . -21.75 16.85 -9.23
O2 PG4 J . -21.94 18.16 -9.77
C3 PG4 J . -20.81 18.68 -10.46
C4 PG4 J . -21.26 19.61 -11.56
O3 PG4 J . -20.20 19.91 -12.46
C5 PG4 J . -19.74 21.25 -12.38
C6 PG4 J . -20.77 22.21 -12.96
O4 PG4 J . -20.97 23.32 -12.10
C7 PG4 J . -21.88 24.30 -12.60
C8 PG4 J . -23.28 23.77 -12.78
O5 PG4 J . -24.19 24.26 -11.83
C1 EDO K . 8.03 13.04 -6.68
O1 EDO K . 6.73 13.16 -7.21
C2 EDO K . 8.65 11.67 -6.76
O2 EDO K . 9.59 11.49 -7.81
#